data_4UTC
#
_entry.id   4UTC
#
_cell.length_a   105.462
_cell.length_b   105.462
_cell.length_c   165.895
_cell.angle_alpha   90.00
_cell.angle_beta   90.00
_cell.angle_gamma   90.00
#
_symmetry.space_group_name_H-M   'P 43 21 2'
#
loop_
_entity.id
_entity.type
_entity.pdbx_description
1 polymer 'ENVELOPE GLYCOPROTEIN E'
2 branched 2-acetamido-2-deoxy-beta-D-glucopyranose-(1-4)-[alpha-L-fucopyranose-(1-6)]2-acetamido-2-deoxy-beta-D-glucopyranose
3 branched 2-acetamido-2-deoxy-beta-D-glucopyranose-(1-4)-2-acetamido-2-deoxy-beta-D-glucopyranose
4 branched beta-D-mannopyranose-(1-3)-[beta-D-mannopyranose-(1-6)]beta-D-mannopyranose-(1-4)-2-acetamido-2-deoxy-beta-D-glucopyranose-(1-4)-[alpha-L-fucopyranose-(1-6)]2-acetamido-2-deoxy-beta-D-glucopyranose
5 water water
#
_entity_poly.entity_id   1
_entity_poly.type   'polypeptide(L)'
_entity_poly.pdbx_seq_one_letter_code
;MRCIGISNRDFVEGVSGGSWVDIVLEHGSCVTTMAKNKPTLDFELIKTEAKQPATLRKYCIEAKLTNTTTESRCPTQGEP
SLNEEQDKRFICKHSMVDRGWGNGCGLFGKGGIVTCAKFTCKKNMEGKIVQPENLEYTIVITPHSGEEHAVGNDTGKHGK
EIKITPQSSTTEAELTGYGTVTMECSPRTGLDFNEMVLLQMEDKAWLVHRQWFLDLPLPWLPGADTQGSNWIQKETLVTF
KNPHAKKQDVVVLGSQEGAMHTALTGATEIQMSSGNLLFTGHLKCRLRMDKLQLKGMSYSMCTGKFKIVKEIAETQHGTI
VIRVQYEGDGSPCKIPFEITDLEKRHVLGRLITVNPIVTEKDSPVNIEAEPPFGDSYIIVGVEPGQLKLNWLRPLESRGP
FEGKPIPNPLLGLDSTRTGHHH
;
_entity_poly.pdbx_strand_id   A,B
#
loop_
_chem_comp.id
_chem_comp.type
_chem_comp.name
_chem_comp.formula
BMA D-saccharide, beta linking beta-D-mannopyranose 'C6 H12 O6'
FUC L-saccharide, alpha linking alpha-L-fucopyranose 'C6 H12 O5'
NAG D-saccharide, beta linking 2-acetamido-2-deoxy-beta-D-glucopyranose 'C8 H15 N O6'
#
# COMPACT_ATOMS: atom_id res chain seq x y z
N MET A 1 9.50 39.88 20.94
CA MET A 1 10.92 39.61 20.80
C MET A 1 11.13 38.16 20.40
N ARG A 2 10.00 37.41 20.24
CA ARG A 2 9.94 36.01 19.81
C ARG A 2 10.60 35.83 18.45
N CYS A 3 10.30 36.75 17.52
CA CYS A 3 10.79 36.78 16.15
C CYS A 3 12.30 36.76 16.01
N ILE A 4 12.99 37.31 17.02
CA ILE A 4 14.45 37.34 17.02
C ILE A 4 14.95 35.89 17.06
N GLY A 5 15.48 35.43 15.92
CA GLY A 5 16.01 34.09 15.77
C GLY A 5 15.38 33.29 14.64
N ILE A 6 14.09 33.61 14.36
CA ILE A 6 13.23 33.03 13.31
C ILE A 6 13.62 33.63 11.94
N SER A 7 13.99 32.77 10.99
CA SER A 7 14.37 33.15 9.63
C SER A 7 13.18 33.62 8.81
N ASN A 8 11.99 32.96 8.93
CA ASN A 8 10.83 33.43 8.14
C ASN A 8 10.12 34.55 8.90
N ARG A 9 10.73 35.74 8.87
CA ARG A 9 10.27 36.92 9.60
C ARG A 9 10.10 38.15 8.73
N ASP A 10 9.00 38.89 8.94
CA ASP A 10 8.72 40.11 8.18
C ASP A 10 8.72 41.32 9.10
N PHE A 11 9.19 42.45 8.58
CA PHE A 11 9.26 43.72 9.31
C PHE A 11 8.24 44.67 8.69
N VAL A 12 7.00 44.60 9.16
CA VAL A 12 5.87 45.41 8.66
C VAL A 12 5.86 46.78 9.35
N GLU A 13 6.03 47.86 8.58
CA GLU A 13 5.99 49.21 9.13
C GLU A 13 4.78 49.95 8.61
N GLY A 14 3.99 50.45 9.54
CA GLY A 14 2.78 51.19 9.23
C GLY A 14 3.10 52.64 8.99
N VAL A 15 2.42 53.23 7.98
CA VAL A 15 2.54 54.63 7.66
C VAL A 15 2.00 55.37 8.87
N SER A 16 2.95 55.90 9.63
CA SER A 16 2.86 56.62 10.89
C SER A 16 1.75 57.66 10.90
N GLY A 17 0.94 57.57 11.94
CA GLY A 17 -0.28 58.35 12.12
C GLY A 17 -1.49 57.43 11.99
N GLY A 18 -1.42 56.53 10.99
CA GLY A 18 -2.42 55.52 10.67
C GLY A 18 -2.79 54.66 11.88
N SER A 19 -4.11 54.44 12.06
CA SER A 19 -4.68 53.67 13.17
C SER A 19 -4.80 52.17 12.90
N TRP A 20 -4.30 51.71 11.74
CA TRP A 20 -4.34 50.30 11.36
C TRP A 20 -3.12 49.88 10.59
N VAL A 21 -2.81 48.58 10.63
CA VAL A 21 -1.74 48.00 9.81
C VAL A 21 -2.13 46.60 9.41
N ASP A 22 -1.88 46.24 8.14
CA ASP A 22 -2.26 44.92 7.67
C ASP A 22 -1.14 43.91 7.67
N ILE A 23 -1.35 42.79 8.37
CA ILE A 23 -0.39 41.70 8.50
C ILE A 23 -0.98 40.34 8.12
N VAL A 24 -0.12 39.41 7.69
CA VAL A 24 -0.46 38.04 7.31
C VAL A 24 0.24 37.08 8.25
N LEU A 25 -0.51 36.49 9.15
CA LEU A 25 0.08 35.52 10.05
C LEU A 25 -0.09 34.10 9.51
N GLU A 26 0.97 33.28 9.61
CA GLU A 26 0.95 31.89 9.20
C GLU A 26 1.87 31.06 10.08
N HIS A 27 1.81 29.73 9.94
CA HIS A 27 2.60 28.83 10.78
C HIS A 27 4.02 28.80 10.30
N GLY A 28 4.95 28.87 11.25
CA GLY A 28 6.39 28.88 11.03
C GLY A 28 6.92 30.23 10.62
N SER A 29 6.08 31.26 10.76
CA SER A 29 6.33 32.64 10.40
C SER A 29 6.05 33.56 11.59
N CYS A 30 6.93 34.56 11.74
CA CYS A 30 6.86 35.59 12.76
C CYS A 30 6.72 36.95 12.09
N VAL A 31 6.05 37.91 12.76
CA VAL A 31 5.90 39.27 12.20
C VAL A 31 6.29 40.38 13.22
N THR A 32 7.11 41.34 12.78
CA THR A 32 7.51 42.48 13.63
C THR A 32 6.87 43.75 13.07
N THR A 33 6.03 44.43 13.89
CA THR A 33 5.31 45.65 13.49
C THR A 33 5.78 46.87 14.21
N MET A 34 6.02 47.94 13.43
CA MET A 34 6.51 49.24 13.89
C MET A 34 5.68 50.37 13.34
N ALA A 35 5.57 51.45 14.10
CA ALA A 35 4.88 52.70 13.73
C ALA A 35 5.49 53.83 14.55
N LYS A 36 5.53 55.07 13.98
CA LYS A 36 6.11 56.21 14.71
C LYS A 36 5.35 56.50 15.99
N ASN A 37 6.11 56.56 17.11
CA ASN A 37 5.67 56.80 18.50
C ASN A 37 4.67 55.74 18.98
N LYS A 38 4.85 54.51 18.50
CA LYS A 38 4.03 53.36 18.88
C LYS A 38 5.01 52.22 19.18
N PRO A 39 4.66 51.32 20.09
CA PRO A 39 5.59 50.25 20.43
C PRO A 39 5.73 49.18 19.37
N THR A 40 6.94 48.62 19.26
CA THR A 40 7.22 47.55 18.33
C THR A 40 6.65 46.24 18.88
N LEU A 41 5.85 45.53 18.06
CA LEU A 41 5.20 44.28 18.45
C LEU A 41 5.57 43.07 17.58
N ASP A 42 5.62 41.90 18.24
CA ASP A 42 5.93 40.61 17.64
C ASP A 42 4.72 39.69 17.63
N PHE A 43 4.35 39.18 16.45
CA PHE A 43 3.19 38.31 16.29
C PHE A 43 3.54 36.94 15.71
N GLU A 44 2.95 35.90 16.29
CA GLU A 44 3.09 34.52 15.84
C GLU A 44 1.73 33.79 15.92
N LEU A 45 1.49 32.90 14.95
CA LEU A 45 0.31 32.05 14.97
C LEU A 45 0.80 30.76 15.56
N ILE A 46 0.41 30.47 16.81
CA ILE A 46 0.84 29.30 17.58
C ILE A 46 0.09 28.02 17.18
N LYS A 47 -1.27 28.04 17.14
CA LYS A 47 -2.07 26.87 16.74
C LYS A 47 -3.38 27.24 16.05
N THR A 48 -3.81 26.33 15.16
CA THR A 48 -5.07 26.33 14.41
C THR A 48 -5.75 25.03 14.89
N GLU A 49 -7.05 25.11 15.25
CA GLU A 49 -7.78 23.98 15.84
C GLU A 49 -9.28 23.91 15.44
N ALA A 50 -9.82 22.67 15.32
CA ALA A 50 -11.23 22.41 15.02
C ALA A 50 -11.94 22.00 16.32
N LYS A 51 -12.95 22.78 16.71
CA LYS A 51 -13.73 22.54 17.92
C LYS A 51 -14.88 21.52 17.63
N GLN A 52 -14.71 20.25 18.10
CA GLN A 52 -15.67 19.15 17.92
C GLN A 52 -16.07 18.90 16.40
N PRO A 53 -15.17 18.27 15.59
CA PRO A 53 -15.54 17.96 14.19
C PRO A 53 -16.25 16.62 14.07
N ALA A 54 -17.25 16.55 13.21
CA ALA A 54 -18.02 15.30 13.04
C ALA A 54 -17.29 14.31 12.14
N THR A 55 -16.94 13.08 12.64
CA THR A 55 -16.32 12.03 11.81
C THR A 55 -17.29 11.70 10.67
N LEU A 56 -17.01 12.13 9.44
CA LEU A 56 -17.92 11.89 8.33
C LEU A 56 -18.01 10.40 8.05
N ARG A 57 -16.88 9.80 7.68
CA ARG A 57 -16.77 8.41 7.28
C ARG A 57 -15.35 7.91 7.59
N LYS A 58 -15.19 6.62 7.88
CA LYS A 58 -13.94 5.95 8.19
C LYS A 58 -13.75 4.86 7.13
N TYR A 59 -12.60 4.84 6.42
CA TYR A 59 -12.33 3.85 5.37
C TYR A 59 -11.28 2.85 5.75
N CYS A 60 -11.39 1.64 5.22
CA CYS A 60 -10.39 0.60 5.40
C CYS A 60 -9.45 0.67 4.24
N ILE A 61 -8.15 0.75 4.55
CA ILE A 61 -7.06 0.85 3.59
C ILE A 61 -6.19 -0.42 3.57
N GLU A 62 -6.25 -1.22 4.63
CA GLU A 62 -5.52 -2.49 4.72
C GLU A 62 -6.37 -3.51 5.42
N ALA A 63 -6.62 -4.66 4.78
CA ALA A 63 -7.47 -5.68 5.35
C ALA A 63 -6.81 -7.04 5.45
N LYS A 64 -7.49 -7.94 6.18
CA LYS A 64 -7.03 -9.29 6.42
C LYS A 64 -8.21 -10.28 6.34
N LEU A 65 -8.06 -11.34 5.51
CA LEU A 65 -9.08 -12.36 5.41
C LEU A 65 -8.63 -13.57 6.14
N THR A 66 -9.43 -13.99 7.12
CA THR A 66 -9.22 -15.17 7.99
C THR A 66 -10.47 -16.04 7.93
N ASN A 67 -10.46 -17.14 8.70
CA ASN A 67 -11.58 -18.05 8.87
C ASN A 67 -12.25 -18.51 7.55
N THR A 68 -11.46 -18.73 6.46
CA THR A 68 -12.03 -19.16 5.19
C THR A 68 -12.68 -20.53 5.34
N THR A 69 -13.99 -20.58 5.06
CA THR A 69 -14.87 -21.76 5.16
C THR A 69 -15.69 -21.99 3.88
N THR A 70 -15.72 -23.23 3.40
CA THR A 70 -16.47 -23.60 2.20
C THR A 70 -17.46 -24.78 2.39
N GLU A 71 -18.71 -24.59 1.96
CA GLU A 71 -19.71 -25.65 1.93
C GLU A 71 -20.11 -25.92 0.49
N SER A 72 -20.08 -27.19 0.12
CA SER A 72 -20.46 -27.63 -1.21
C SER A 72 -21.67 -28.59 -1.15
N ARG A 73 -22.22 -28.87 -2.34
CA ARG A 73 -23.35 -29.76 -2.56
C ARG A 73 -23.08 -30.51 -3.83
N CYS A 74 -23.52 -31.76 -3.87
CA CYS A 74 -23.36 -32.57 -5.06
C CYS A 74 -24.41 -32.12 -6.06
N PRO A 75 -24.27 -32.39 -7.39
CA PRO A 75 -25.34 -31.98 -8.30
C PRO A 75 -26.68 -32.57 -7.83
N THR A 76 -27.79 -31.81 -8.01
CA THR A 76 -29.17 -32.20 -7.65
C THR A 76 -29.42 -32.22 -6.13
N GLN A 77 -28.39 -31.94 -5.30
CA GLN A 77 -28.53 -31.98 -3.83
C GLN A 77 -28.93 -30.63 -3.21
N GLY A 78 -29.23 -29.64 -4.04
CA GLY A 78 -29.59 -28.31 -3.54
C GLY A 78 -28.47 -27.29 -3.54
N GLU A 79 -28.75 -26.11 -2.95
CA GLU A 79 -27.83 -24.97 -2.82
C GLU A 79 -27.21 -25.01 -1.40
N PRO A 80 -25.88 -24.82 -1.25
CA PRO A 80 -25.29 -24.90 0.09
C PRO A 80 -25.45 -23.60 0.87
N SER A 81 -25.30 -23.69 2.19
CA SER A 81 -25.49 -22.53 3.07
C SER A 81 -24.61 -22.56 4.32
N LEU A 82 -24.13 -21.37 4.73
CA LEU A 82 -23.36 -21.18 5.95
C LEU A 82 -24.08 -20.12 6.75
N ASN A 83 -23.86 -20.08 8.07
CA ASN A 83 -24.47 -19.06 8.96
C ASN A 83 -23.86 -17.70 8.62
N GLU A 84 -22.56 -17.69 8.26
CA GLU A 84 -21.72 -16.55 7.88
C GLU A 84 -22.38 -15.65 6.87
N GLU A 85 -23.33 -16.21 6.11
CA GLU A 85 -24.13 -15.49 5.15
C GLU A 85 -24.95 -14.43 5.91
N GLN A 86 -25.52 -14.80 7.09
CA GLN A 86 -26.27 -13.92 8.05
C GLN A 86 -25.29 -12.98 8.81
N ASP A 87 -24.17 -13.54 9.37
CA ASP A 87 -23.09 -12.83 10.09
C ASP A 87 -22.52 -11.75 9.14
N LYS A 88 -22.49 -10.51 9.61
CA LYS A 88 -22.08 -9.36 8.81
C LYS A 88 -20.54 -9.16 8.70
N ARG A 89 -19.75 -9.82 9.57
CA ARG A 89 -18.29 -9.71 9.59
C ARG A 89 -17.67 -10.50 8.44
N PHE A 90 -18.48 -11.41 7.83
CA PHE A 90 -18.02 -12.26 6.75
C PHE A 90 -18.47 -11.78 5.40
N ILE A 91 -17.66 -12.07 4.36
CA ILE A 91 -17.98 -11.81 2.97
C ILE A 91 -18.06 -13.17 2.25
N CYS A 92 -19.24 -13.41 1.66
CA CYS A 92 -19.59 -14.66 0.99
C CYS A 92 -19.83 -14.54 -0.51
N LYS A 93 -19.69 -15.67 -1.19
CA LYS A 93 -19.94 -15.82 -2.60
C LYS A 93 -20.34 -17.25 -2.91
N HIS A 94 -21.41 -17.41 -3.71
CA HIS A 94 -21.87 -18.67 -4.25
C HIS A 94 -21.28 -18.85 -5.65
N SER A 95 -20.90 -20.09 -5.97
CA SER A 95 -20.38 -20.44 -7.29
C SER A 95 -20.77 -21.89 -7.63
N MET A 96 -20.21 -22.44 -8.72
CA MET A 96 -20.48 -23.77 -9.24
C MET A 96 -19.16 -24.45 -9.53
N VAL A 97 -19.02 -25.69 -9.07
CA VAL A 97 -17.82 -26.49 -9.36
C VAL A 97 -18.21 -27.78 -10.11
N ASP A 98 -17.24 -28.42 -10.76
CA ASP A 98 -17.46 -29.68 -11.44
C ASP A 98 -17.48 -30.76 -10.40
N ARG A 99 -18.57 -31.48 -10.36
CA ARG A 99 -18.76 -32.59 -9.46
C ARG A 99 -18.95 -33.87 -10.29
N GLY A 100 -18.84 -35.01 -9.60
CA GLY A 100 -18.93 -36.34 -10.18
C GLY A 100 -18.26 -37.38 -9.33
N TRP A 101 -18.11 -38.60 -9.87
CA TRP A 101 -17.55 -39.76 -9.20
C TRP A 101 -16.22 -39.57 -8.50
N GLY A 102 -15.20 -39.02 -9.16
CA GLY A 102 -13.85 -38.83 -8.64
C GLY A 102 -13.65 -37.71 -7.64
N ASN A 103 -14.76 -37.13 -7.16
CA ASN A 103 -14.81 -36.06 -6.18
C ASN A 103 -16.08 -36.17 -5.31
N GLY A 104 -16.55 -37.39 -5.16
CA GLY A 104 -17.62 -37.76 -4.23
C GLY A 104 -19.09 -37.78 -4.63
N CYS A 105 -19.42 -37.52 -5.91
CA CYS A 105 -20.83 -37.47 -6.33
C CYS A 105 -21.25 -38.65 -7.16
N GLY A 106 -22.46 -39.17 -6.89
CA GLY A 106 -23.02 -40.27 -7.68
C GLY A 106 -23.36 -39.86 -9.10
N LEU A 107 -23.70 -38.55 -9.28
CA LEU A 107 -24.05 -37.92 -10.56
C LEU A 107 -22.93 -36.98 -10.98
N PHE A 108 -22.81 -36.71 -12.28
CA PHE A 108 -21.82 -35.81 -12.85
C PHE A 108 -22.49 -34.48 -13.26
N GLY A 109 -22.02 -33.39 -12.70
CA GLY A 109 -22.55 -32.07 -13.05
C GLY A 109 -21.96 -30.92 -12.28
N LYS A 110 -22.67 -29.78 -12.28
CA LYS A 110 -22.21 -28.56 -11.61
C LYS A 110 -22.76 -28.47 -10.20
N GLY A 111 -21.92 -28.83 -9.24
CA GLY A 111 -22.26 -28.80 -7.82
C GLY A 111 -22.04 -27.41 -7.25
N GLY A 112 -23.06 -26.89 -6.58
CA GLY A 112 -23.05 -25.58 -5.97
C GLY A 112 -22.08 -25.48 -4.81
N ILE A 113 -21.32 -24.39 -4.78
CA ILE A 113 -20.32 -24.10 -3.76
C ILE A 113 -20.63 -22.74 -3.12
N VAL A 114 -20.14 -22.53 -1.90
CA VAL A 114 -20.25 -21.27 -1.17
C VAL A 114 -19.00 -21.07 -0.30
N THR A 115 -18.35 -19.91 -0.41
CA THR A 115 -17.15 -19.57 0.34
C THR A 115 -17.39 -18.28 1.15
N CYS A 116 -17.05 -18.31 2.46
CA CYS A 116 -17.12 -17.17 3.40
C CYS A 116 -15.80 -16.99 4.10
N ALA A 117 -15.42 -15.72 4.33
CA ALA A 117 -14.17 -15.38 5.02
C ALA A 117 -14.39 -14.15 5.88
N LYS A 118 -13.62 -14.05 7.00
CA LYS A 118 -13.75 -12.95 7.96
C LYS A 118 -12.91 -11.77 7.59
N PHE A 119 -13.60 -10.64 7.28
CA PHE A 119 -12.99 -9.35 6.91
C PHE A 119 -12.60 -8.58 8.15
N THR A 120 -11.28 -8.45 8.36
CA THR A 120 -10.65 -7.79 9.51
C THR A 120 -9.87 -6.59 9.01
N CYS A 121 -10.24 -5.38 9.45
CA CYS A 121 -9.48 -4.19 9.03
C CYS A 121 -8.25 -3.99 9.87
N LYS A 122 -7.13 -3.75 9.21
CA LYS A 122 -5.81 -3.56 9.81
C LYS A 122 -5.34 -2.08 9.91
N LYS A 123 -5.73 -1.24 8.97
CA LYS A 123 -5.40 0.19 8.95
C LYS A 123 -6.59 0.87 8.27
N ASN A 124 -6.97 2.00 8.84
CA ASN A 124 -8.16 2.72 8.41
C ASN A 124 -7.90 4.21 8.51
N MET A 125 -8.81 5.02 7.96
CA MET A 125 -8.61 6.47 7.95
C MET A 125 -9.91 7.24 8.08
N GLU A 126 -10.01 8.06 9.13
CA GLU A 126 -11.15 8.90 9.45
C GLU A 126 -11.01 10.20 8.69
N GLY A 127 -12.14 10.75 8.31
CA GLY A 127 -12.22 12.05 7.65
C GLY A 127 -13.22 12.89 8.42
N LYS A 128 -12.72 13.84 9.23
CA LYS A 128 -13.59 14.67 10.08
C LYS A 128 -14.15 15.90 9.38
N ILE A 129 -15.48 16.15 9.54
CA ILE A 129 -16.23 17.28 8.96
C ILE A 129 -15.78 18.59 9.60
N VAL A 130 -15.34 19.52 8.75
CA VAL A 130 -14.97 20.83 9.21
C VAL A 130 -15.96 21.86 8.69
N GLN A 131 -16.33 22.78 9.58
CA GLN A 131 -17.19 23.95 9.33
C GLN A 131 -16.30 25.16 9.68
N PRO A 132 -16.27 26.24 8.85
CA PRO A 132 -15.42 27.40 9.21
C PRO A 132 -15.77 27.98 10.58
N GLU A 133 -17.03 27.83 11.03
CA GLU A 133 -17.58 28.30 12.30
C GLU A 133 -16.81 27.80 13.52
N ASN A 134 -16.60 26.47 13.64
CA ASN A 134 -15.91 25.88 14.78
C ASN A 134 -14.35 25.84 14.66
N LEU A 135 -13.76 26.69 13.76
CA LEU A 135 -12.31 26.79 13.51
C LEU A 135 -11.67 27.92 14.36
N GLU A 136 -10.82 27.57 15.34
CA GLU A 136 -10.18 28.54 16.24
C GLU A 136 -8.68 28.77 15.96
N TYR A 137 -8.25 30.04 16.07
CA TYR A 137 -6.84 30.43 15.88
C TYR A 137 -6.23 30.94 17.19
N THR A 138 -4.93 30.66 17.41
CA THR A 138 -4.21 31.08 18.61
C THR A 138 -3.00 31.94 18.22
N ILE A 139 -3.11 33.26 18.48
CA ILE A 139 -2.09 34.28 18.18
C ILE A 139 -1.42 34.72 19.47
N VAL A 140 -0.09 34.89 19.43
CA VAL A 140 0.70 35.38 20.57
C VAL A 140 1.33 36.76 20.23
N ILE A 141 0.95 37.80 21.00
CA ILE A 141 1.50 39.13 20.77
C ILE A 141 2.53 39.45 21.81
N THR A 142 3.77 39.64 21.40
CA THR A 142 4.86 39.93 22.31
C THR A 142 5.45 41.31 22.07
N PRO A 143 5.27 42.28 22.98
CA PRO A 143 5.90 43.59 22.79
C PRO A 143 7.41 43.54 22.97
N HIS A 144 8.11 44.48 22.30
CA HIS A 144 9.54 44.68 22.34
C HIS A 144 9.82 45.57 23.57
N SER A 145 9.79 44.94 24.76
CA SER A 145 10.01 45.53 26.10
C SER A 145 11.36 45.23 26.71
N GLY A 146 12.30 44.82 25.88
CA GLY A 146 13.65 44.51 26.33
C GLY A 146 13.77 43.43 27.39
N GLU A 147 12.64 42.90 27.89
CA GLU A 147 12.61 41.88 28.94
C GLU A 147 13.68 40.84 28.73
N GLU A 148 14.60 40.79 29.69
CA GLU A 148 15.77 39.95 29.82
C GLU A 148 15.68 38.60 29.09
N HIS A 149 14.55 37.88 29.23
CA HIS A 149 14.39 36.55 28.63
C HIS A 149 13.69 36.54 27.27
N ALA A 150 12.72 37.44 27.04
CA ALA A 150 11.87 37.58 25.84
C ALA A 150 12.49 37.15 24.47
N VAL A 151 13.80 37.41 24.22
CA VAL A 151 14.49 37.06 22.96
C VAL A 151 14.34 35.58 22.60
N GLY A 152 13.60 35.34 21.51
CA GLY A 152 13.29 34.02 20.98
C GLY A 152 12.68 33.06 21.99
N ASN A 153 11.97 33.61 23.04
CA ASN A 153 11.34 32.82 24.10
C ASN A 153 10.13 32.08 23.57
N ASP A 154 10.36 30.80 23.23
CA ASP A 154 9.41 29.86 22.63
C ASP A 154 8.24 29.51 23.53
N THR A 155 8.51 29.43 24.86
CA THR A 155 7.59 29.11 25.96
C THR A 155 6.26 29.88 25.83
N GLY A 156 6.37 31.21 25.69
CA GLY A 156 5.25 32.10 25.48
C GLY A 156 4.88 33.03 26.61
N LYS A 157 5.25 32.65 27.84
CA LYS A 157 4.95 33.38 29.08
C LYS A 157 4.97 34.93 28.96
N HIS A 158 5.94 35.46 28.18
CA HIS A 158 6.16 36.89 27.93
C HIS A 158 5.03 37.61 27.15
N GLY A 159 4.37 36.89 26.25
CA GLY A 159 3.35 37.46 25.41
C GLY A 159 1.93 37.15 25.82
N LYS A 160 0.99 38.01 25.40
CA LYS A 160 -0.43 37.84 25.65
C LYS A 160 -1.06 36.96 24.56
N GLU A 161 -1.56 35.76 24.97
CA GLU A 161 -2.24 34.80 24.11
C GLU A 161 -3.61 35.38 23.76
N ILE A 162 -4.07 35.18 22.50
CA ILE A 162 -5.37 35.65 22.04
C ILE A 162 -6.01 34.65 21.09
N LYS A 163 -7.35 34.48 21.19
CA LYS A 163 -8.12 33.53 20.39
C LYS A 163 -9.00 34.23 19.40
N ILE A 164 -8.82 33.90 18.14
CA ILE A 164 -9.64 34.50 17.12
C ILE A 164 -10.63 33.40 16.65
N THR A 165 -11.92 33.67 16.89
CA THR A 165 -13.08 32.81 16.60
C THR A 165 -13.92 33.50 15.50
N PRO A 166 -14.47 32.76 14.49
CA PRO A 166 -15.30 33.42 13.46
C PRO A 166 -16.60 34.00 14.01
N GLN A 167 -16.91 33.66 15.28
CA GLN A 167 -18.06 34.17 16.05
C GLN A 167 -17.65 35.48 16.77
N SER A 168 -16.34 35.62 17.17
CA SER A 168 -15.75 36.80 17.84
C SER A 168 -14.50 37.39 17.08
N SER A 169 -14.60 37.53 15.73
CA SER A 169 -13.55 38.02 14.81
C SER A 169 -12.74 39.25 15.29
N THR A 170 -13.40 40.20 16.03
CA THR A 170 -12.78 41.41 16.58
C THR A 170 -12.44 41.23 18.08
N THR A 171 -11.13 41.19 18.40
CA THR A 171 -10.60 41.02 19.76
C THR A 171 -9.62 42.13 20.15
N GLU A 172 -9.86 42.73 21.34
CA GLU A 172 -9.15 43.87 21.97
C GLU A 172 -8.34 43.39 23.18
N ALA A 173 -7.07 43.00 22.95
CA ALA A 173 -6.27 42.54 24.09
C ALA A 173 -5.54 43.67 24.80
N GLU A 174 -5.64 43.68 26.13
CA GLU A 174 -4.96 44.69 26.93
C GLU A 174 -3.55 44.25 27.27
N LEU A 175 -2.58 44.90 26.60
CA LEU A 175 -1.16 44.66 26.80
C LEU A 175 -0.70 45.48 28.02
N THR A 176 -0.23 44.76 29.04
CA THR A 176 0.27 45.29 30.32
C THR A 176 1.39 46.34 30.15
N GLY A 177 1.00 47.60 30.10
CA GLY A 177 1.92 48.72 29.98
C GLY A 177 1.91 49.45 28.66
N TYR A 178 1.18 48.91 27.67
CA TYR A 178 1.15 49.51 26.32
C TYR A 178 -0.24 49.89 25.85
N GLY A 179 -1.25 49.50 26.62
CA GLY A 179 -2.64 49.76 26.29
C GLY A 179 -3.28 48.62 25.55
N THR A 180 -4.27 48.91 24.71
CA THR A 180 -4.99 47.89 23.97
C THR A 180 -4.65 47.94 22.46
N VAL A 181 -4.78 46.76 21.82
CA VAL A 181 -4.60 46.60 20.38
C VAL A 181 -5.82 45.83 19.89
N THR A 182 -6.61 46.44 19.01
CA THR A 182 -7.75 45.68 18.53
C THR A 182 -7.28 45.01 17.24
N MET A 183 -7.56 43.73 17.19
CA MET A 183 -7.19 42.85 16.11
C MET A 183 -8.41 42.37 15.36
N GLU A 184 -8.41 42.57 14.04
CA GLU A 184 -9.50 42.19 13.17
C GLU A 184 -8.99 41.22 12.11
N CYS A 185 -9.20 39.91 12.34
CA CYS A 185 -8.71 38.84 11.48
C CYS A 185 -9.77 38.21 10.55
N SER A 186 -9.32 37.82 9.34
CA SER A 186 -10.14 37.22 8.29
C SER A 186 -9.65 35.80 7.91
N PRO A 187 -10.52 34.77 7.96
CA PRO A 187 -10.05 33.41 7.63
C PRO A 187 -9.78 33.20 6.15
N ARG A 188 -8.53 32.79 5.84
CA ARG A 188 -8.05 32.56 4.47
C ARG A 188 -7.21 31.28 4.33
N THR A 189 -7.12 30.74 3.06
CA THR A 189 -6.35 29.55 2.62
C THR A 189 -6.31 29.55 1.09
N ASP A 192 -11.92 26.92 1.50
CA ASP A 192 -13.23 27.47 1.88
C ASP A 192 -13.73 26.93 3.22
N PHE A 193 -13.32 25.68 3.58
CA PHE A 193 -13.63 24.89 4.79
C PHE A 193 -15.11 24.42 4.94
N ASN A 194 -16.08 25.02 4.17
CA ASN A 194 -17.48 24.60 4.25
C ASN A 194 -17.56 23.15 3.80
N GLU A 195 -17.20 22.93 2.51
CA GLU A 195 -17.18 21.64 1.82
C GLU A 195 -15.76 21.06 1.79
N MET A 196 -15.17 20.91 2.98
CA MET A 196 -13.84 20.35 3.15
C MET A 196 -13.80 19.38 4.32
N VAL A 197 -13.22 18.21 4.04
CA VAL A 197 -13.02 17.09 4.94
C VAL A 197 -11.54 17.09 5.32
N LEU A 198 -11.26 17.01 6.61
CA LEU A 198 -9.91 16.94 7.13
C LEU A 198 -9.60 15.46 7.29
N LEU A 199 -9.01 14.87 6.23
CA LEU A 199 -8.69 13.45 6.24
C LEU A 199 -7.45 13.16 7.09
N GLN A 200 -7.57 12.26 8.09
CA GLN A 200 -6.47 11.86 8.98
C GLN A 200 -6.03 10.45 8.70
N MET A 201 -4.74 10.28 8.36
CA MET A 201 -4.17 9.00 8.04
C MET A 201 -3.58 8.31 9.25
N GLU A 202 -2.32 8.60 9.59
CA GLU A 202 -1.68 8.04 10.78
C GLU A 202 -1.35 9.25 11.66
N ASP A 203 -0.12 9.75 11.53
CA ASP A 203 0.46 10.96 12.13
C ASP A 203 0.44 12.03 11.01
N LYS A 204 0.09 11.55 9.79
CA LYS A 204 -0.08 12.36 8.61
C LYS A 204 -1.59 12.65 8.53
N ALA A 205 -1.93 13.85 7.98
CA ALA A 205 -3.27 14.40 7.75
C ALA A 205 -3.24 15.48 6.68
N TRP A 206 -4.41 15.77 6.07
CA TRP A 206 -4.56 16.76 5.00
C TRP A 206 -5.94 17.34 5.05
N LEU A 207 -6.18 18.29 4.13
CA LEU A 207 -7.48 18.88 3.96
C LEU A 207 -7.82 18.58 2.56
N VAL A 208 -8.97 17.91 2.40
CA VAL A 208 -9.47 17.43 1.11
C VAL A 208 -10.99 17.69 0.88
N HIS A 209 -11.36 17.82 -0.40
CA HIS A 209 -12.71 18.05 -0.97
C HIS A 209 -13.74 17.04 -0.41
N ARG A 210 -14.98 17.48 -0.12
CA ARG A 210 -16.02 16.59 0.42
C ARG A 210 -16.43 15.52 -0.59
N GLN A 211 -16.59 15.93 -1.83
CA GLN A 211 -16.95 15.05 -2.92
C GLN A 211 -15.85 14.04 -3.23
N TRP A 212 -14.57 14.45 -3.24
CA TRP A 212 -13.48 13.53 -3.54
C TRP A 212 -13.46 12.39 -2.52
N PHE A 213 -13.51 12.75 -1.24
CA PHE A 213 -13.50 11.82 -0.12
C PHE A 213 -14.61 10.80 -0.25
N LEU A 214 -15.84 11.28 -0.26
CA LEU A 214 -17.03 10.43 -0.30
C LEU A 214 -17.08 9.41 -1.49
N ASP A 215 -16.38 9.71 -2.61
CA ASP A 215 -16.32 8.81 -3.75
C ASP A 215 -15.03 8.01 -3.81
N LEU A 216 -14.63 7.38 -2.70
CA LEU A 216 -13.44 6.52 -2.73
C LEU A 216 -13.86 5.08 -2.83
N PRO A 217 -13.24 4.34 -3.75
CA PRO A 217 -13.55 2.91 -3.90
C PRO A 217 -12.97 2.03 -2.78
N LEU A 218 -13.38 2.24 -1.51
CA LEU A 218 -12.85 1.46 -0.39
C LEU A 218 -13.92 1.05 0.62
N PRO A 219 -13.73 -0.02 1.44
CA PRO A 219 -14.75 -0.35 2.45
C PRO A 219 -14.88 0.77 3.48
N TRP A 220 -16.09 1.12 3.91
CA TRP A 220 -16.29 2.22 4.85
C TRP A 220 -17.32 1.96 5.93
N LEU A 221 -17.37 2.86 6.88
CA LEU A 221 -18.26 2.83 8.00
C LEU A 221 -18.70 4.24 8.22
N PRO A 222 -19.99 4.47 8.62
CA PRO A 222 -20.45 5.84 8.87
C PRO A 222 -19.79 6.40 10.15
N GLY A 223 -19.71 7.73 10.21
CA GLY A 223 -19.13 8.41 11.35
C GLY A 223 -19.63 7.85 12.66
N ALA A 224 -20.97 7.85 12.80
CA ALA A 224 -21.75 7.36 13.93
C ALA A 224 -21.24 6.04 14.52
N ASP A 225 -20.86 5.08 13.65
CA ASP A 225 -20.40 3.75 14.08
C ASP A 225 -19.15 3.76 14.90
N THR A 226 -19.23 3.14 16.08
CA THR A 226 -18.13 2.95 17.02
C THR A 226 -18.06 1.44 17.35
N GLN A 227 -18.89 0.62 16.66
CA GLN A 227 -18.89 -0.83 16.77
C GLN A 227 -17.58 -1.35 16.14
N GLY A 228 -17.35 -0.94 14.88
CA GLY A 228 -16.18 -1.29 14.08
C GLY A 228 -16.03 -2.79 13.97
N SER A 229 -16.94 -3.44 13.22
CA SER A 229 -16.92 -4.88 13.05
C SER A 229 -17.26 -5.27 11.62
N ASN A 230 -18.35 -4.65 11.07
CA ASN A 230 -18.85 -4.92 9.71
C ASN A 230 -18.90 -3.67 8.84
N TRP A 231 -18.12 -3.75 7.76
CA TRP A 231 -17.82 -2.69 6.80
C TRP A 231 -18.65 -2.69 5.55
N ILE A 232 -19.09 -1.50 5.08
CA ILE A 232 -19.84 -1.38 3.81
C ILE A 232 -18.81 -1.52 2.68
N GLN A 233 -19.18 -2.08 1.52
CA GLN A 233 -18.33 -2.24 0.32
C GLN A 233 -17.07 -3.15 0.48
N LYS A 234 -17.05 -4.16 1.38
CA LYS A 234 -15.86 -5.05 1.54
C LYS A 234 -15.31 -5.51 0.18
N GLU A 235 -16.22 -5.65 -0.81
CA GLU A 235 -16.03 -6.05 -2.20
C GLU A 235 -14.89 -5.29 -2.89
N THR A 236 -14.60 -4.06 -2.40
CA THR A 236 -13.57 -3.20 -2.97
C THR A 236 -12.17 -3.70 -2.61
N LEU A 237 -12.03 -4.57 -1.60
CA LEU A 237 -10.73 -5.11 -1.22
C LEU A 237 -10.73 -6.62 -1.34
N VAL A 238 -11.92 -7.23 -1.55
CA VAL A 238 -12.08 -8.69 -1.64
C VAL A 238 -12.40 -9.13 -3.06
N THR A 239 -11.83 -10.27 -3.48
CA THR A 239 -11.98 -10.86 -4.82
C THR A 239 -12.13 -12.39 -4.73
N PHE A 240 -13.14 -12.95 -5.41
CA PHE A 240 -13.34 -14.40 -5.46
C PHE A 240 -12.88 -14.93 -6.85
N LYS A 241 -12.08 -15.98 -6.86
CA LYS A 241 -11.57 -16.58 -8.09
C LYS A 241 -11.96 -18.07 -8.28
N ASN A 242 -12.59 -18.38 -9.40
CA ASN A 242 -12.94 -19.76 -9.78
C ASN A 242 -12.76 -19.89 -11.31
N PRO A 243 -11.50 -20.04 -11.79
CA PRO A 243 -11.27 -20.06 -13.24
C PRO A 243 -11.49 -21.39 -13.97
N HIS A 244 -11.41 -22.51 -13.25
CA HIS A 244 -11.52 -23.82 -13.90
C HIS A 244 -12.66 -24.70 -13.36
N ALA A 245 -13.57 -24.10 -12.57
CA ALA A 245 -14.70 -24.79 -11.91
C ALA A 245 -14.21 -25.96 -11.02
N LYS A 246 -12.99 -25.83 -10.47
CA LYS A 246 -12.37 -26.83 -9.61
C LYS A 246 -12.43 -26.39 -8.13
N LYS A 247 -12.32 -25.06 -7.90
CA LYS A 247 -12.34 -24.46 -6.56
C LYS A 247 -12.57 -22.93 -6.63
N GLN A 248 -13.11 -22.37 -5.52
CA GLN A 248 -13.34 -20.93 -5.33
C GLN A 248 -12.31 -20.34 -4.29
N ASP A 249 -11.42 -19.42 -4.77
CA ASP A 249 -10.37 -18.79 -3.98
C ASP A 249 -10.70 -17.37 -3.60
N VAL A 250 -10.48 -17.02 -2.33
CA VAL A 250 -10.76 -15.68 -1.83
C VAL A 250 -9.45 -14.87 -1.60
N VAL A 251 -9.33 -13.73 -2.30
CA VAL A 251 -8.12 -12.90 -2.27
C VAL A 251 -8.31 -11.39 -1.83
N VAL A 252 -7.44 -10.97 -0.87
CA VAL A 252 -7.31 -9.60 -0.33
C VAL A 252 -6.61 -8.75 -1.39
N LEU A 253 -6.95 -7.47 -1.51
CA LEU A 253 -6.42 -6.66 -2.57
C LEU A 253 -5.13 -5.86 -2.25
N GLY A 254 -4.58 -6.01 -1.06
CA GLY A 254 -3.32 -5.35 -0.72
C GLY A 254 -3.45 -3.91 -0.28
N SER A 255 -2.60 -3.53 0.71
CA SER A 255 -2.59 -2.22 1.33
C SER A 255 -2.63 -1.08 0.37
N GLN A 256 -3.54 -0.15 0.67
CA GLN A 256 -3.81 1.06 -0.11
C GLN A 256 -3.17 2.31 0.55
N GLU A 257 -2.29 2.10 1.55
CA GLU A 257 -1.66 3.18 2.31
C GLU A 257 -0.84 4.12 1.45
N GLY A 258 0.15 3.55 0.75
CA GLY A 258 1.05 4.28 -0.14
C GLY A 258 0.32 4.80 -1.35
N ALA A 259 -0.67 4.02 -1.82
CA ALA A 259 -1.54 4.34 -2.95
C ALA A 259 -2.22 5.67 -2.64
N MET A 260 -2.82 5.77 -1.42
CA MET A 260 -3.49 6.94 -0.88
C MET A 260 -2.56 8.12 -0.82
N HIS A 261 -1.31 7.97 -0.25
CA HIS A 261 -0.30 9.05 -0.16
C HIS A 261 -0.03 9.66 -1.53
N THR A 262 0.12 8.81 -2.57
CA THR A 262 0.35 9.25 -3.94
C THR A 262 -0.85 10.03 -4.49
N ALA A 263 -2.07 9.56 -4.18
CA ALA A 263 -3.33 10.22 -4.59
C ALA A 263 -3.46 11.60 -3.93
N LEU A 264 -2.92 11.73 -2.72
CA LEU A 264 -2.97 12.92 -1.89
C LEU A 264 -1.80 13.86 -2.17
N THR A 265 -1.07 13.68 -3.30
CA THR A 265 0.08 14.54 -3.61
C THR A 265 -0.33 16.00 -3.85
N GLY A 266 -1.26 16.24 -4.78
CA GLY A 266 -1.73 17.59 -5.06
C GLY A 266 -2.42 18.32 -3.91
N ALA A 267 -2.94 17.56 -2.93
CA ALA A 267 -3.70 18.04 -1.78
C ALA A 267 -2.93 18.86 -0.74
N THR A 268 -3.72 19.64 0.03
CA THR A 268 -3.27 20.52 1.10
C THR A 268 -2.84 19.72 2.31
N GLU A 269 -1.54 19.49 2.45
CA GLU A 269 -1.02 18.75 3.60
C GLU A 269 -1.02 19.68 4.83
N ILE A 270 -1.34 19.11 6.01
CA ILE A 270 -1.34 19.81 7.31
C ILE A 270 -0.67 18.97 8.38
N GLN A 271 0.13 19.61 9.23
CA GLN A 271 0.79 18.92 10.32
C GLN A 271 -0.26 18.76 11.42
N MET A 272 -0.44 17.55 11.94
CA MET A 272 -1.46 17.34 12.96
C MET A 272 -0.97 16.66 14.19
N SER A 273 -1.55 17.04 15.34
CA SER A 273 -1.25 16.47 16.65
C SER A 273 -2.40 16.75 17.61
N SER A 274 -3.05 15.66 18.09
CA SER A 274 -4.18 15.64 19.04
C SER A 274 -5.29 16.72 18.77
N GLY A 275 -5.79 16.77 17.53
CA GLY A 275 -6.84 17.68 17.10
C GLY A 275 -6.40 19.01 16.53
N ASN A 276 -5.15 19.41 16.84
CA ASN A 276 -4.56 20.69 16.45
C ASN A 276 -3.78 20.61 15.16
N LEU A 277 -4.19 21.43 14.18
CA LEU A 277 -3.57 21.49 12.85
C LEU A 277 -2.59 22.66 12.72
N LEU A 278 -1.30 22.36 12.89
CA LEU A 278 -0.23 23.32 12.76
C LEU A 278 0.05 23.53 11.23
N PHE A 279 -1.03 23.99 10.51
CA PHE A 279 -1.21 24.32 9.09
C PHE A 279 0.06 24.33 8.26
N HIS A 282 -2.50 31.16 6.60
CA HIS A 282 -2.45 32.39 5.80
C HIS A 282 -3.48 33.40 6.31
N LEU A 283 -3.73 33.37 7.65
CA LEU A 283 -4.67 34.22 8.39
C LEU A 283 -4.33 35.73 8.33
N LYS A 284 -5.06 36.53 7.51
CA LYS A 284 -4.82 37.98 7.32
C LYS A 284 -5.57 38.88 8.31
N CYS A 285 -4.81 39.73 9.05
CA CYS A 285 -5.36 40.62 10.07
C CYS A 285 -5.10 42.10 9.82
N ARG A 286 -5.88 42.92 10.54
CA ARG A 286 -5.78 44.37 10.59
C ARG A 286 -5.52 44.68 12.06
N LEU A 287 -4.56 45.60 12.31
CA LEU A 287 -4.17 45.99 13.67
C LEU A 287 -4.50 47.42 13.99
N ARG A 288 -5.19 47.64 15.13
CA ARG A 288 -5.59 48.97 15.56
C ARG A 288 -4.58 49.39 16.58
N MET A 289 -3.75 50.37 16.19
CA MET A 289 -2.70 50.84 17.08
C MET A 289 -2.96 52.19 17.71
N ASP A 290 -4.11 52.81 17.42
CA ASP A 290 -4.54 54.10 17.98
C ASP A 290 -4.59 54.03 19.52
N LYS A 291 -5.00 52.88 20.07
CA LYS A 291 -5.13 52.66 21.51
C LYS A 291 -3.82 52.14 22.17
N LEU A 292 -2.78 51.92 21.36
CA LEU A 292 -1.46 51.50 21.83
C LEU A 292 -0.63 52.73 22.13
N GLN A 293 0.20 52.64 23.17
CA GLN A 293 1.08 53.73 23.60
C GLN A 293 2.43 53.20 24.08
N LEU A 294 3.49 54.01 23.88
CA LEU A 294 4.86 53.69 24.29
C LEU A 294 5.01 53.72 25.79
N LYS A 295 5.54 52.64 26.38
CA LYS A 295 5.76 52.62 27.81
C LYS A 295 7.00 53.53 27.99
N GLY A 296 6.92 54.56 28.82
CA GLY A 296 8.06 55.43 29.09
C GLY A 296 8.37 56.63 28.22
N MET A 297 7.45 57.04 27.34
CA MET A 297 7.66 58.23 26.50
C MET A 297 7.79 59.53 27.34
N SER A 298 7.36 59.49 28.61
CA SER A 298 7.45 60.62 29.53
C SER A 298 8.52 60.40 30.60
N TYR A 299 9.19 59.21 30.62
CA TYR A 299 10.27 58.95 31.58
C TYR A 299 11.47 59.78 31.18
N SER A 300 12.31 60.12 32.17
CA SER A 300 13.52 60.87 31.94
C SER A 300 14.65 59.97 31.45
N MET A 301 15.71 60.58 30.90
CA MET A 301 16.85 59.85 30.35
C MET A 301 17.74 59.30 31.44
N CYS A 302 18.17 58.04 31.29
CA CYS A 302 19.09 57.43 32.25
C CYS A 302 20.36 58.26 32.25
N THR A 303 20.98 58.42 33.41
CA THR A 303 22.23 59.22 33.53
C THR A 303 23.43 58.33 33.86
N GLY A 304 23.16 57.19 34.47
CA GLY A 304 24.16 56.23 34.89
C GLY A 304 24.97 55.54 33.80
N LYS A 305 25.70 54.51 34.24
CA LYS A 305 26.58 53.70 33.40
C LYS A 305 25.94 52.35 33.14
N PHE A 306 26.28 51.74 31.99
CA PHE A 306 25.74 50.45 31.55
C PHE A 306 26.80 49.39 31.36
N LYS A 307 26.46 48.15 31.68
CA LYS A 307 27.34 47.00 31.55
C LYS A 307 26.83 46.08 30.41
N ILE A 308 27.72 45.31 29.75
CA ILE A 308 27.39 44.46 28.61
C ILE A 308 27.26 42.98 29.00
N VAL A 309 26.01 42.59 29.33
CA VAL A 309 25.56 41.26 29.75
C VAL A 309 25.78 40.20 28.64
N LYS A 310 25.29 40.47 27.42
CA LYS A 310 25.44 39.58 26.27
C LYS A 310 25.96 40.38 25.09
N GLU A 311 27.10 39.91 24.54
CA GLU A 311 27.79 40.48 23.39
C GLU A 311 26.86 40.72 22.19
N ILE A 312 27.16 41.73 21.36
CA ILE A 312 26.38 42.01 20.15
C ILE A 312 26.38 40.74 19.32
N ALA A 313 25.17 40.30 18.93
CA ALA A 313 24.93 39.14 18.08
C ALA A 313 24.10 39.64 16.90
N GLU A 314 24.46 39.20 15.68
CA GLU A 314 23.72 39.60 14.48
C GLU A 314 22.69 38.53 14.11
N THR A 315 21.47 38.98 13.83
CA THR A 315 20.40 38.08 13.42
C THR A 315 20.53 37.79 11.93
N GLN A 316 19.73 36.83 11.45
CA GLN A 316 19.75 36.44 10.06
C GLN A 316 19.34 37.58 9.09
N HIS A 317 18.70 38.66 9.61
CA HIS A 317 18.26 39.76 8.75
C HIS A 317 19.13 40.99 8.86
N GLY A 318 20.38 40.81 9.28
CA GLY A 318 21.33 41.91 9.42
C GLY A 318 21.21 42.73 10.70
N THR A 319 20.08 42.61 11.41
CA THR A 319 19.82 43.33 12.66
C THR A 319 20.70 42.80 13.75
N ILE A 320 20.93 43.61 14.77
CA ILE A 320 21.78 43.21 15.89
C ILE A 320 21.03 43.27 17.18
N VAL A 321 21.49 42.47 18.16
CA VAL A 321 20.90 42.38 19.49
C VAL A 321 21.98 42.57 20.57
N ILE A 322 21.66 43.36 21.58
CA ILE A 322 22.55 43.66 22.70
C ILE A 322 21.81 43.50 24.01
N ARG A 323 22.39 42.78 24.98
CA ARG A 323 21.79 42.69 26.33
C ARG A 323 22.66 43.48 27.35
N VAL A 324 22.08 44.52 27.98
CA VAL A 324 22.76 45.42 28.90
C VAL A 324 22.08 45.59 30.27
N GLN A 325 22.88 45.80 31.33
CA GLN A 325 22.39 46.05 32.69
C GLN A 325 22.73 47.49 33.13
N TYR A 326 21.75 48.20 33.71
CA TYR A 326 21.93 49.60 34.18
C TYR A 326 22.51 49.60 35.57
N GLU A 327 23.53 50.43 35.78
CA GLU A 327 24.22 50.52 37.05
C GLU A 327 24.02 51.86 37.77
N GLY A 328 23.09 52.67 37.27
CA GLY A 328 22.73 53.98 37.80
C GLY A 328 21.63 53.93 38.83
N ASP A 329 20.89 55.06 39.02
CA ASP A 329 19.82 55.13 40.03
C ASP A 329 18.44 55.66 39.57
N GLY A 330 18.42 56.42 38.47
CA GLY A 330 17.20 57.05 37.95
C GLY A 330 15.98 56.22 37.63
N SER A 331 16.15 54.89 37.49
CA SER A 331 15.14 53.90 37.08
C SER A 331 13.79 54.04 37.78
N PRO A 332 12.66 54.00 37.03
CA PRO A 332 12.52 53.75 35.57
C PRO A 332 12.98 54.93 34.70
N CYS A 333 13.85 54.63 33.73
CA CYS A 333 14.39 55.65 32.83
C CYS A 333 14.62 55.14 31.39
N LYS A 334 14.63 56.07 30.40
CA LYS A 334 14.92 55.76 28.99
C LYS A 334 16.45 55.50 28.82
N ILE A 335 16.83 54.33 28.26
CA ILE A 335 18.25 54.02 28.00
C ILE A 335 18.62 54.84 26.77
N PRO A 336 19.71 55.66 26.82
CA PRO A 336 20.09 56.43 25.63
C PRO A 336 20.72 55.48 24.61
N PHE A 337 20.28 55.57 23.36
CA PHE A 337 20.80 54.70 22.33
C PHE A 337 21.00 55.42 21.04
N GLU A 338 22.15 55.13 20.38
CA GLU A 338 22.50 55.75 19.12
C GLU A 338 23.42 54.89 18.28
N ILE A 339 23.25 55.00 16.95
CA ILE A 339 24.07 54.33 15.94
C ILE A 339 24.56 55.49 15.09
N THR A 340 25.88 55.71 15.08
CA THR A 340 26.43 56.81 14.28
C THR A 340 27.55 56.32 13.43
N ASP A 341 27.99 57.19 12.49
CA ASP A 341 29.14 56.96 11.62
C ASP A 341 30.38 56.89 12.54
N LEU A 342 31.54 56.48 12.00
CA LEU A 342 32.76 56.41 12.82
C LEU A 342 33.17 57.71 13.46
N GLU A 343 32.93 58.85 12.75
CA GLU A 343 33.28 60.20 13.20
C GLU A 343 32.26 60.82 14.16
N LYS A 344 31.28 60.00 14.65
CA LYS A 344 30.20 60.31 15.62
C LYS A 344 29.55 61.68 15.33
N ARG A 345 29.05 61.85 14.07
CA ARG A 345 28.47 63.07 13.48
C ARG A 345 27.10 62.82 12.84
N HIS A 346 26.97 61.67 12.14
CA HIS A 346 25.76 61.25 11.47
C HIS A 346 24.98 60.19 12.19
N VAL A 347 23.67 60.45 12.39
CA VAL A 347 22.79 59.45 12.99
C VAL A 347 22.41 58.49 11.87
N LEU A 348 22.65 57.20 12.12
CA LEU A 348 22.45 56.15 11.16
C LEU A 348 21.63 55.00 11.70
N GLY A 349 21.07 54.21 10.77
CA GLY A 349 20.23 53.04 11.07
C GLY A 349 19.03 53.35 11.95
N ARG A 350 18.27 52.33 12.32
CA ARG A 350 17.06 52.52 13.12
C ARG A 350 16.97 51.58 14.33
N LEU A 351 16.06 51.85 15.26
CA LEU A 351 15.86 51.05 16.46
C LEU A 351 14.60 50.15 16.34
N ILE A 352 14.74 48.82 16.40
CA ILE A 352 13.58 47.94 16.35
C ILE A 352 12.89 48.01 17.72
N THR A 353 13.62 47.71 18.83
CA THR A 353 13.11 47.81 20.21
C THR A 353 13.05 49.32 20.57
N VAL A 354 12.05 50.05 19.99
CA VAL A 354 11.84 51.48 20.18
C VAL A 354 11.64 51.83 21.66
N ASN A 355 12.16 53.05 22.04
CA ASN A 355 12.12 53.67 23.37
C ASN A 355 12.61 52.69 24.45
N PRO A 356 13.87 52.17 24.35
CA PRO A 356 14.34 51.19 25.34
C PRO A 356 14.37 51.76 26.73
N ILE A 357 13.74 51.07 27.70
CA ILE A 357 13.65 51.59 29.06
C ILE A 357 14.17 50.62 30.13
N VAL A 358 14.57 51.15 31.30
CA VAL A 358 14.97 50.36 32.45
C VAL A 358 13.76 50.44 33.40
N THR A 359 13.41 49.31 34.02
CA THR A 359 12.29 49.21 34.95
C THR A 359 12.87 48.93 36.36
N GLU A 360 13.89 48.02 36.41
CA GLU A 360 14.66 47.60 37.58
C GLU A 360 16.12 47.45 37.15
N LYS A 361 17.06 47.92 38.00
CA LYS A 361 18.51 47.85 37.78
C LYS A 361 18.96 46.40 37.65
N ASP A 362 18.37 45.52 38.49
CA ASP A 362 18.64 44.08 38.54
C ASP A 362 18.37 43.35 37.21
N SER A 363 17.24 43.70 36.55
CA SER A 363 16.80 43.09 35.30
C SER A 363 17.51 43.70 34.07
N PRO A 364 18.36 42.89 33.34
CA PRO A 364 19.01 43.41 32.13
C PRO A 364 17.99 43.63 31.01
N VAL A 365 18.40 44.37 29.98
CA VAL A 365 17.56 44.74 28.86
C VAL A 365 18.15 44.23 27.54
N ASN A 366 17.27 43.85 26.62
CA ASN A 366 17.61 43.40 25.30
C ASN A 366 17.16 44.44 24.26
N ILE A 367 18.10 44.89 23.42
CA ILE A 367 17.81 45.88 22.41
C ILE A 367 18.15 45.33 21.04
N GLU A 368 17.19 45.46 20.12
CA GLU A 368 17.36 45.07 18.72
C GLU A 368 17.33 46.32 17.90
N ALA A 369 18.38 46.48 17.06
CA ALA A 369 18.52 47.63 16.15
C ALA A 369 19.07 47.18 14.80
N GLU A 370 18.75 47.95 13.76
CA GLU A 370 19.23 47.72 12.40
C GLU A 370 20.45 48.63 12.15
N PRO A 371 21.71 48.08 12.18
CA PRO A 371 22.88 48.91 11.89
C PRO A 371 22.98 49.27 10.40
N PRO A 372 23.65 50.38 10.01
CA PRO A 372 23.83 50.67 8.59
C PRO A 372 24.90 49.77 7.95
N PHE A 373 24.84 49.65 6.61
CA PHE A 373 25.82 48.87 5.86
C PHE A 373 27.19 49.49 5.98
N GLY A 374 28.11 48.74 6.54
CA GLY A 374 29.47 49.17 6.75
C GLY A 374 29.75 49.45 8.20
N ASP A 375 30.73 50.34 8.43
CA ASP A 375 31.14 50.70 9.78
C ASP A 375 30.22 51.73 10.43
N SER A 376 29.93 51.47 11.72
CA SER A 376 29.12 52.31 12.58
C SER A 376 29.59 52.15 14.02
N TYR A 377 29.08 53.01 14.90
CA TYR A 377 29.31 52.98 16.34
C TYR A 377 27.98 52.80 17.05
N ILE A 378 27.88 51.74 17.83
CA ILE A 378 26.72 51.52 18.65
C ILE A 378 27.02 52.14 20.00
N ILE A 379 26.34 53.24 20.28
CA ILE A 379 26.51 54.02 21.48
C ILE A 379 25.28 53.86 22.42
N VAL A 380 25.50 53.13 23.49
CA VAL A 380 24.49 52.91 24.48
C VAL A 380 24.91 53.57 25.79
N GLY A 381 24.05 54.45 26.24
CA GLY A 381 24.24 55.21 27.45
C GLY A 381 24.77 56.59 27.20
N VAL A 382 25.10 57.28 28.30
CA VAL A 382 25.60 58.63 28.32
C VAL A 382 26.91 58.68 29.11
N GLU A 383 27.80 59.64 28.71
CA GLU A 383 29.13 59.91 29.29
C GLU A 383 29.03 60.41 30.75
N PRO A 384 29.87 59.91 31.71
CA PRO A 384 30.96 58.90 31.60
C PRO A 384 30.41 57.48 31.59
N GLY A 385 31.27 56.50 31.30
CA GLY A 385 30.83 55.11 31.24
C GLY A 385 29.95 54.80 30.04
N GLN A 386 29.89 55.76 29.07
CA GLN A 386 29.18 55.65 27.81
C GLN A 386 29.81 54.48 27.11
N LEU A 387 28.99 53.52 26.65
CA LEU A 387 29.43 52.35 25.89
C LEU A 387 29.51 52.74 24.40
N LYS A 388 30.69 52.58 23.80
CA LYS A 388 30.94 52.97 22.41
C LYS A 388 31.43 51.71 21.65
N LEU A 389 30.48 50.88 21.24
CA LEU A 389 30.72 49.63 20.51
C LEU A 389 30.83 49.89 19.01
N ASN A 390 31.60 49.06 18.32
CA ASN A 390 31.86 49.21 16.89
C ASN A 390 31.30 48.04 16.12
N TRP A 391 30.62 48.35 15.02
CA TRP A 391 29.99 47.35 14.19
C TRP A 391 30.34 47.45 12.72
N LEU A 392 30.31 46.30 12.06
CA LEU A 392 30.53 46.18 10.64
C LEU A 392 29.38 45.38 10.00
N ARG A 393 28.79 45.90 8.92
CA ARG A 393 27.72 45.20 8.23
C ARG A 393 28.12 45.17 6.78
N PRO A 394 28.80 44.12 6.33
CA PRO A 394 29.26 44.12 4.92
C PRO A 394 28.13 44.04 3.90
N LEU A 395 28.40 44.45 2.65
CA LEU A 395 27.41 44.41 1.57
C LEU A 395 27.38 43.04 0.86
N MET B 1 -8.96 -41.85 -17.77
CA MET B 1 -10.18 -41.89 -16.97
C MET B 1 -10.30 -40.70 -16.02
N ARG B 2 -9.28 -39.79 -16.05
CA ARG B 2 -9.19 -38.54 -15.28
C ARG B 2 -10.22 -37.55 -15.81
N CYS B 3 -10.30 -37.42 -17.15
CA CYS B 3 -11.18 -36.53 -17.90
C CYS B 3 -12.65 -36.68 -17.55
N ILE B 4 -13.07 -37.89 -17.16
CA ILE B 4 -14.46 -38.14 -16.80
C ILE B 4 -14.79 -37.30 -15.54
N GLY B 5 -15.58 -36.25 -15.74
CA GLY B 5 -15.97 -35.32 -14.67
C GLY B 5 -15.59 -33.88 -14.94
N ILE B 6 -14.52 -33.68 -15.75
CA ILE B 6 -13.93 -32.41 -16.18
C ILE B 6 -14.77 -31.84 -17.34
N SER B 7 -15.31 -30.62 -17.16
CA SER B 7 -16.11 -29.93 -18.15
C SER B 7 -15.29 -29.45 -19.35
N ASN B 8 -14.08 -28.92 -19.13
CA ASN B 8 -13.29 -28.47 -20.29
C ASN B 8 -12.49 -29.63 -20.86
N ARG B 9 -13.20 -30.50 -21.59
CA ARG B 9 -12.68 -31.74 -22.15
C ARG B 9 -12.91 -31.89 -23.65
N ASP B 10 -11.90 -32.36 -24.38
CA ASP B 10 -11.98 -32.57 -25.81
C ASP B 10 -11.84 -34.05 -26.17
N PHE B 11 -12.58 -34.51 -27.21
CA PHE B 11 -12.54 -35.88 -27.68
C PHE B 11 -11.88 -35.89 -29.05
N VAL B 12 -10.55 -36.00 -29.06
CA VAL B 12 -9.73 -36.04 -30.28
C VAL B 12 -9.66 -37.47 -30.84
N GLU B 13 -10.15 -37.67 -32.07
CA GLU B 13 -10.05 -38.97 -32.73
C GLU B 13 -9.13 -38.88 -33.94
N GLY B 14 -8.15 -39.77 -33.97
CA GLY B 14 -7.20 -39.85 -35.07
C GLY B 14 -7.74 -40.72 -36.19
N TRP B 20 -0.23 -40.62 -36.04
CA TRP B 20 0.02 -39.18 -35.93
C TRP B 20 -1.28 -38.37 -35.73
N VAL B 21 -1.55 -37.98 -34.45
CA VAL B 21 -2.72 -37.21 -33.99
C VAL B 21 -2.25 -35.95 -33.21
N ASP B 22 -2.81 -34.78 -33.56
CA ASP B 22 -2.43 -33.52 -32.94
C ASP B 22 -3.34 -33.09 -31.82
N ILE B 23 -2.76 -32.88 -30.63
CA ILE B 23 -3.51 -32.42 -29.45
C ILE B 23 -2.91 -31.16 -28.83
N VAL B 24 -3.76 -30.37 -28.17
CA VAL B 24 -3.40 -29.12 -27.51
C VAL B 24 -3.69 -29.26 -26.02
N LEU B 25 -2.64 -29.38 -25.24
CA LEU B 25 -2.80 -29.46 -23.80
C LEU B 25 -2.64 -28.09 -23.16
N GLU B 26 -3.51 -27.77 -22.20
CA GLU B 26 -3.46 -26.53 -21.44
C GLU B 26 -3.97 -26.78 -20.00
N HIS B 27 -3.81 -25.79 -19.12
CA HIS B 27 -4.19 -25.91 -17.72
C HIS B 27 -5.68 -25.79 -17.58
N GLY B 28 -6.25 -26.68 -16.76
CA GLY B 28 -7.69 -26.75 -16.49
C GLY B 28 -8.47 -27.48 -17.57
N SER B 29 -7.74 -28.10 -18.49
CA SER B 29 -8.25 -28.82 -19.65
C SER B 29 -7.73 -30.26 -19.68
N CYS B 30 -8.63 -31.19 -20.04
CA CYS B 30 -8.36 -32.61 -20.20
C CYS B 30 -8.57 -33.02 -21.64
N VAL B 31 -7.85 -34.04 -22.15
CA VAL B 31 -8.02 -34.51 -23.53
C VAL B 31 -8.20 -36.04 -23.62
N THR B 32 -9.20 -36.52 -24.39
CA THR B 32 -9.44 -37.94 -24.59
C THR B 32 -9.14 -38.29 -26.06
N THR B 33 -8.17 -39.20 -26.28
CA THR B 33 -7.73 -39.60 -27.62
C THR B 33 -8.06 -41.05 -27.95
N MET B 34 -8.62 -41.24 -29.15
CA MET B 34 -9.06 -42.53 -29.68
C MET B 34 -8.56 -42.74 -31.08
N ALA B 35 -8.35 -44.02 -31.43
CA ALA B 35 -7.94 -44.49 -32.75
C ALA B 35 -8.41 -45.94 -32.89
N LYS B 36 -8.76 -46.38 -34.12
CA LYS B 36 -9.24 -47.75 -34.35
C LYS B 36 -8.18 -48.77 -33.96
N ASN B 37 -8.59 -49.73 -33.08
CA ASN B 37 -7.78 -50.84 -32.53
C ASN B 37 -6.53 -50.35 -31.75
N LYS B 38 -6.67 -49.19 -31.11
CA LYS B 38 -5.66 -48.57 -30.27
C LYS B 38 -6.34 -48.17 -28.97
N PRO B 39 -5.64 -48.16 -27.84
CA PRO B 39 -6.29 -47.83 -26.56
C PRO B 39 -6.65 -46.35 -26.42
N THR B 40 -7.78 -46.09 -25.75
CA THR B 40 -8.22 -44.73 -25.48
C THR B 40 -7.39 -44.15 -24.32
N LEU B 41 -6.81 -42.95 -24.56
CA LEU B 41 -5.95 -42.28 -23.58
C LEU B 41 -6.46 -40.93 -23.14
N ASP B 42 -6.18 -40.60 -21.86
CA ASP B 42 -6.51 -39.35 -21.19
C ASP B 42 -5.25 -38.53 -20.89
N PHE B 43 -5.21 -37.29 -21.34
CA PHE B 43 -4.07 -36.39 -21.14
C PHE B 43 -4.45 -35.10 -20.39
N GLU B 44 -3.58 -34.72 -19.44
CA GLU B 44 -3.71 -33.49 -18.65
C GLU B 44 -2.34 -32.84 -18.48
N LEU B 45 -2.30 -31.50 -18.50
CA LEU B 45 -1.09 -30.74 -18.20
C LEU B 45 -1.22 -30.40 -16.73
N ILE B 46 -0.42 -31.05 -15.89
CA ILE B 46 -0.44 -30.91 -14.43
C ILE B 46 0.30 -29.65 -13.94
N LYS B 47 1.56 -29.43 -14.40
CA LYS B 47 2.33 -28.24 -14.02
C LYS B 47 3.30 -27.77 -15.09
N THR B 48 3.54 -26.45 -15.07
CA THR B 48 4.49 -25.70 -15.89
C THR B 48 5.43 -25.08 -14.83
N GLU B 49 6.76 -25.16 -15.03
CA GLU B 49 7.76 -24.64 -14.06
C GLU B 49 9.10 -24.15 -14.67
N ALA B 50 9.70 -23.12 -14.02
CA ALA B 50 11.02 -22.59 -14.40
C ALA B 50 12.09 -23.28 -13.55
N LYS B 51 13.07 -23.91 -14.21
CA LYS B 51 14.13 -24.62 -13.50
C LYS B 51 15.27 -23.69 -13.10
N GLN B 52 15.32 -23.43 -11.77
CA GLN B 52 16.29 -22.58 -11.03
C GLN B 52 16.57 -21.20 -11.76
N PRO B 53 15.61 -20.23 -11.73
CA PRO B 53 15.85 -18.94 -12.40
C PRO B 53 16.63 -17.95 -11.53
N ALA B 54 17.46 -17.14 -12.18
CA ALA B 54 18.30 -16.17 -11.47
C ALA B 54 17.54 -14.95 -11.04
N THR B 55 17.42 -14.77 -9.73
CA THR B 55 16.77 -13.59 -9.19
C THR B 55 17.55 -12.40 -9.68
N LEU B 56 16.89 -11.53 -10.43
CA LEU B 56 17.50 -10.32 -10.96
C LEU B 56 17.71 -9.31 -9.83
N ARG B 57 16.61 -8.92 -9.16
CA ARG B 57 16.61 -7.91 -8.11
C ARG B 57 15.41 -8.18 -7.19
N LYS B 58 15.54 -7.81 -5.91
CA LYS B 58 14.51 -7.97 -4.86
C LYS B 58 14.18 -6.55 -4.34
N TYR B 59 12.88 -6.15 -4.34
CA TYR B 59 12.48 -4.81 -3.89
C TYR B 59 11.71 -4.77 -2.59
N CYS B 60 11.87 -3.70 -1.83
CA CYS B 60 11.10 -3.51 -0.60
C CYS B 60 9.86 -2.72 -0.93
N ILE B 61 8.69 -3.24 -0.51
CA ILE B 61 7.37 -2.65 -0.75
C ILE B 61 6.71 -2.16 0.54
N GLU B 62 7.18 -2.64 1.70
CA GLU B 62 6.69 -2.15 2.98
C GLU B 62 7.87 -2.08 3.95
N ALA B 63 8.07 -0.90 4.58
CA ALA B 63 9.19 -0.69 5.49
C ALA B 63 8.81 -0.18 6.86
N LYS B 64 9.78 -0.19 7.79
CA LYS B 64 9.65 0.24 9.19
C LYS B 64 10.89 1.03 9.64
N LEU B 65 10.66 2.24 10.18
CA LEU B 65 11.75 3.07 10.70
C LEU B 65 11.77 3.02 12.20
N THR B 66 12.91 2.62 12.76
CA THR B 66 13.19 2.50 14.18
C THR B 66 14.49 3.28 14.51
N ASN B 67 14.91 3.25 15.79
CA ASN B 67 16.16 3.83 16.29
C ASN B 67 16.46 5.28 15.83
N THR B 68 15.43 6.14 15.72
CA THR B 68 15.63 7.52 15.28
C THR B 68 16.52 8.30 16.25
N THR B 69 17.65 8.83 15.73
CA THR B 69 18.68 9.57 16.45
C THR B 69 19.08 10.90 15.74
N THR B 70 19.18 12.01 16.49
CA THR B 70 19.55 13.33 15.92
C THR B 70 20.69 14.06 16.63
N GLU B 71 21.68 14.54 15.84
CA GLU B 71 22.76 15.38 16.36
C GLU B 71 22.72 16.75 15.70
N SER B 72 22.77 17.79 16.51
CA SER B 72 22.77 19.18 16.04
C SER B 72 24.08 19.91 16.43
N ARG B 73 24.28 21.10 15.88
CA ARG B 73 25.42 21.99 16.11
C ARG B 73 24.88 23.41 16.10
N CYS B 74 25.49 24.30 16.86
CA CYS B 74 25.10 25.70 16.88
C CYS B 74 25.73 26.34 15.64
N PRO B 75 25.28 27.53 15.17
CA PRO B 75 25.92 28.11 13.98
C PRO B 75 27.40 28.30 14.26
N THR B 76 28.26 28.12 13.22
CA THR B 76 29.73 28.27 13.28
C THR B 76 30.42 27.15 14.09
N GLN B 77 29.67 26.20 14.67
CA GLN B 77 30.24 25.10 15.48
C GLN B 77 30.58 23.85 14.68
N GLY B 78 30.49 23.95 13.35
CA GLY B 78 30.77 22.84 12.46
C GLY B 78 29.55 22.05 12.02
N GLU B 79 29.80 20.93 11.33
CA GLU B 79 28.79 20.01 10.80
C GLU B 79 28.62 18.85 11.78
N PRO B 80 27.40 18.43 12.12
CA PRO B 80 27.27 17.31 13.07
C PRO B 80 27.47 15.95 12.40
N SER B 81 27.77 14.92 13.21
CA SER B 81 28.01 13.60 12.66
C SER B 81 27.60 12.48 13.61
N LEU B 82 27.08 11.38 13.04
CA LEU B 82 26.71 10.17 13.76
C LEU B 82 27.50 9.04 13.14
N ASN B 83 27.73 7.97 13.91
CA ASN B 83 28.50 6.78 13.42
C ASN B 83 27.67 6.10 12.35
N GLU B 84 26.33 6.04 12.61
CA GLU B 84 25.24 5.57 11.80
C GLU B 84 25.39 5.87 10.32
N GLU B 85 26.02 7.00 9.98
CA GLU B 85 26.28 7.42 8.59
C GLU B 85 27.19 6.45 7.88
N GLN B 86 27.76 5.51 8.64
CA GLN B 86 28.66 4.43 8.19
C GLN B 86 27.96 3.03 8.28
N ASP B 87 26.83 2.98 9.02
CA ASP B 87 25.99 1.78 9.10
C ASP B 87 25.09 1.78 7.85
N LYS B 88 25.21 0.73 7.02
CA LYS B 88 24.45 0.62 5.79
C LYS B 88 22.99 0.15 5.98
N ARG B 89 22.49 0.14 7.22
CA ARG B 89 21.13 -0.29 7.56
C ARG B 89 20.36 0.90 8.06
N PHE B 90 21.03 2.05 8.03
CA PHE B 90 20.50 3.32 8.51
C PHE B 90 20.28 4.26 7.39
N ILE B 91 19.31 5.16 7.57
CA ILE B 91 19.01 6.18 6.56
C ILE B 91 19.29 7.55 7.21
N CYS B 92 20.22 8.34 6.59
CA CYS B 92 20.59 9.64 7.15
C CYS B 92 20.34 10.80 6.21
N LYS B 93 20.19 12.00 6.82
CA LYS B 93 20.01 13.25 6.12
C LYS B 93 20.51 14.37 6.99
N HIS B 94 21.26 15.28 6.35
CA HIS B 94 21.73 16.53 6.93
C HIS B 94 20.78 17.64 6.53
N SER B 95 20.51 18.55 7.44
CA SER B 95 19.67 19.72 7.18
C SER B 95 20.17 20.89 8.01
N MET B 96 19.42 21.99 8.01
CA MET B 96 19.75 23.23 8.69
C MET B 96 18.53 23.68 9.48
N VAL B 97 18.73 24.02 10.73
CA VAL B 97 17.67 24.57 11.57
C VAL B 97 18.03 25.99 12.02
N ASP B 98 17.04 26.75 12.47
CA ASP B 98 17.24 28.09 12.99
C ASP B 98 17.73 27.92 14.39
N ARG B 99 18.89 28.50 14.63
CA ARG B 99 19.52 28.52 15.91
C ARG B 99 19.67 29.97 16.34
N GLY B 100 19.94 30.14 17.63
CA GLY B 100 20.09 31.43 18.29
C GLY B 100 19.84 31.33 19.78
N TRP B 101 19.80 32.50 20.44
CA TRP B 101 19.50 32.64 21.86
C TRP B 101 18.03 32.20 21.81
N GLY B 102 17.58 31.52 22.83
CA GLY B 102 16.21 31.06 22.81
C GLY B 102 16.13 29.59 22.50
N ASN B 103 17.20 29.02 21.91
CA ASN B 103 17.36 27.59 21.62
C ASN B 103 18.84 27.13 21.78
N GLY B 104 19.55 27.85 22.66
CA GLY B 104 20.88 27.52 23.12
C GLY B 104 22.13 28.07 22.45
N CYS B 105 22.01 28.91 21.42
CA CYS B 105 23.19 29.42 20.72
C CYS B 105 23.52 30.87 21.00
N GLY B 106 24.81 31.16 21.17
CA GLY B 106 25.30 32.51 21.39
C GLY B 106 25.15 33.39 20.16
N LEU B 107 25.21 32.76 18.98
CA LEU B 107 25.05 33.39 17.67
C LEU B 107 23.70 32.99 17.06
N PHE B 108 23.16 33.82 16.16
CA PHE B 108 21.90 33.58 15.47
C PHE B 108 22.17 33.17 14.03
N GLY B 109 21.71 31.98 13.66
CA GLY B 109 21.90 31.50 12.30
C GLY B 109 21.41 30.10 12.04
N LYS B 110 21.87 29.51 10.94
CA LYS B 110 21.46 28.19 10.53
C LYS B 110 22.40 27.10 11.08
N GLY B 111 21.95 26.47 12.17
CA GLY B 111 22.66 25.38 12.82
C GLY B 111 22.40 24.06 12.12
N GLY B 112 23.47 23.38 11.77
CA GLY B 112 23.43 22.09 11.09
C GLY B 112 22.84 20.98 11.93
N ILE B 113 21.96 20.18 11.33
CA ILE B 113 21.28 19.05 11.96
C ILE B 113 21.55 17.81 11.13
N VAL B 114 21.44 16.63 11.76
CA VAL B 114 21.60 15.33 11.11
C VAL B 114 20.67 14.32 11.82
N THR B 115 19.86 13.61 11.02
CA THR B 115 18.94 12.60 11.53
C THR B 115 19.21 11.24 10.83
N CYS B 116 19.29 10.15 11.63
CA CYS B 116 19.47 8.77 11.18
C CYS B 116 18.41 7.88 11.79
N ALA B 117 17.90 6.92 11.01
CA ALA B 117 16.90 5.95 11.44
C ALA B 117 17.18 4.60 10.80
N LYS B 118 16.79 3.52 11.47
CA LYS B 118 17.05 2.16 10.98
C LYS B 118 15.93 1.64 10.11
N PHE B 119 16.30 1.41 8.83
CA PHE B 119 15.41 0.92 7.79
C PHE B 119 15.30 -0.60 7.84
N THR B 120 14.10 -1.07 8.20
CA THR B 120 13.75 -2.47 8.35
C THR B 120 12.66 -2.83 7.33
N CYS B 121 12.94 -3.77 6.42
CA CYS B 121 11.94 -4.16 5.43
C CYS B 121 10.98 -5.17 6.01
N LYS B 122 9.68 -4.93 5.79
CA LYS B 122 8.59 -5.78 6.26
C LYS B 122 8.00 -6.71 5.17
N LYS B 123 8.06 -6.30 3.87
CA LYS B 123 7.47 -7.07 2.77
C LYS B 123 8.34 -7.00 1.49
N ASN B 124 8.55 -8.12 0.76
CA ASN B 124 9.37 -8.08 -0.49
C ASN B 124 8.62 -8.45 -1.80
N MET B 125 9.34 -8.30 -2.90
CA MET B 125 9.01 -8.65 -4.27
C MET B 125 10.27 -9.27 -4.81
N GLU B 126 10.13 -10.28 -5.68
CA GLU B 126 11.28 -10.90 -6.32
C GLU B 126 11.06 -10.94 -7.78
N GLY B 127 12.08 -10.58 -8.52
CA GLY B 127 12.05 -10.61 -9.97
C GLY B 127 13.01 -11.66 -10.46
N LYS B 128 12.56 -12.58 -11.33
CA LYS B 128 13.45 -13.63 -11.81
C LYS B 128 13.61 -13.67 -13.31
N ILE B 129 14.84 -13.97 -13.78
CA ILE B 129 15.06 -14.12 -15.21
C ILE B 129 14.81 -15.59 -15.58
N VAL B 130 13.77 -15.80 -16.41
CA VAL B 130 13.28 -17.10 -16.86
C VAL B 130 13.46 -17.25 -18.37
N GLN B 131 14.37 -18.16 -18.78
CA GLN B 131 14.61 -18.40 -20.19
C GLN B 131 13.81 -19.61 -20.70
N PRO B 132 13.27 -19.54 -21.95
CA PRO B 132 12.43 -20.63 -22.47
C PRO B 132 13.05 -22.03 -22.44
N GLU B 133 14.36 -22.13 -22.71
CA GLU B 133 15.09 -23.41 -22.74
C GLU B 133 14.96 -24.27 -21.48
N ASN B 134 14.82 -23.64 -20.28
CA ASN B 134 14.77 -24.34 -18.99
C ASN B 134 13.37 -24.31 -18.33
N LEU B 135 12.34 -24.14 -19.17
CA LEU B 135 10.91 -24.16 -18.84
C LEU B 135 10.45 -25.62 -18.99
N GLU B 136 10.01 -26.28 -17.90
CA GLU B 136 9.59 -27.67 -17.92
C GLU B 136 8.05 -27.87 -17.84
N TYR B 137 7.54 -28.85 -18.60
CA TYR B 137 6.11 -29.20 -18.61
C TYR B 137 5.88 -30.60 -18.02
N THR B 138 4.77 -30.79 -17.28
CA THR B 138 4.42 -32.05 -16.66
C THR B 138 3.06 -32.53 -17.15
N ILE B 139 3.07 -33.58 -18.01
CA ILE B 139 1.91 -34.22 -18.63
C ILE B 139 1.64 -35.56 -17.93
N VAL B 140 0.35 -35.86 -17.69
CA VAL B 140 -0.09 -37.13 -17.11
C VAL B 140 -0.93 -37.90 -18.13
N ILE B 141 -0.46 -39.10 -18.53
CA ILE B 141 -1.18 -39.93 -19.49
C ILE B 141 -1.89 -41.06 -18.76
N THR B 142 -3.22 -41.07 -18.79
CA THR B 142 -3.99 -42.09 -18.12
C THR B 142 -4.77 -42.94 -19.10
N PRO B 143 -4.41 -44.23 -19.28
CA PRO B 143 -5.21 -45.07 -20.18
C PRO B 143 -6.58 -45.40 -19.60
N HIS B 144 -7.53 -45.67 -20.53
CA HIS B 144 -8.92 -46.08 -20.24
C HIS B 144 -8.92 -47.61 -20.05
N SER B 145 -8.44 -48.04 -18.89
CA SER B 145 -8.35 -49.41 -18.37
C SER B 145 -9.41 -49.22 -17.33
N GLY B 146 -10.55 -49.86 -17.47
CA GLY B 146 -11.70 -49.71 -16.59
C GLY B 146 -11.46 -49.81 -15.10
N GLU B 147 -10.19 -49.70 -14.65
CA GLU B 147 -9.78 -49.73 -13.26
C GLU B 147 -10.78 -49.04 -12.35
N GLU B 148 -11.40 -49.84 -11.48
CA GLU B 148 -12.41 -49.51 -10.48
C GLU B 148 -12.36 -48.03 -9.97
N HIS B 149 -11.15 -47.51 -9.59
CA HIS B 149 -11.01 -46.16 -9.04
C HIS B 149 -10.66 -45.06 -10.01
N ALA B 150 -10.05 -45.40 -11.17
CA ALA B 150 -9.54 -44.49 -12.20
C ALA B 150 -10.42 -43.28 -12.57
N VAL B 151 -11.78 -43.43 -12.63
CA VAL B 151 -12.76 -42.37 -12.98
C VAL B 151 -12.54 -41.10 -12.13
N GLY B 152 -12.14 -40.02 -12.81
CA GLY B 152 -11.88 -38.72 -12.22
C GLY B 152 -10.93 -38.71 -11.05
N ASN B 153 -9.99 -39.72 -10.97
CA ASN B 153 -9.02 -39.85 -9.88
C ASN B 153 -7.94 -38.78 -10.09
N ASP B 154 -8.11 -37.66 -9.34
CA ASP B 154 -7.29 -36.44 -9.32
C ASP B 154 -5.90 -36.71 -8.79
N THR B 155 -5.79 -37.69 -7.87
CA THR B 155 -4.60 -38.19 -7.16
C THR B 155 -3.38 -38.35 -8.10
N GLY B 156 -3.50 -39.15 -9.16
CA GLY B 156 -2.38 -39.29 -10.10
C GLY B 156 -1.71 -40.65 -10.12
N LYS B 157 -2.16 -41.55 -9.22
CA LYS B 157 -1.68 -42.92 -9.11
C LYS B 157 -1.93 -43.78 -10.39
N HIS B 158 -3.06 -43.54 -11.09
CA HIS B 158 -3.42 -44.33 -12.27
C HIS B 158 -2.70 -43.97 -13.56
N GLY B 159 -1.98 -42.85 -13.59
CA GLY B 159 -1.33 -42.43 -14.83
C GLY B 159 0.17 -42.30 -14.74
N LYS B 160 0.82 -42.42 -15.90
CA LYS B 160 2.27 -42.28 -16.06
C LYS B 160 2.63 -40.80 -16.31
N GLU B 161 3.38 -40.21 -15.36
CA GLU B 161 3.87 -38.84 -15.43
C GLU B 161 4.97 -38.75 -16.50
N ILE B 162 5.02 -37.64 -17.25
CA ILE B 162 6.05 -37.44 -18.28
C ILE B 162 6.44 -35.95 -18.37
N LYS B 163 7.76 -35.68 -18.61
CA LYS B 163 8.33 -34.34 -18.65
C LYS B 163 8.78 -33.92 -20.03
N ILE B 164 8.44 -32.68 -20.40
CA ILE B 164 8.82 -32.15 -21.72
C ILE B 164 9.52 -30.77 -21.56
N THR B 165 10.62 -30.61 -22.30
CA THR B 165 11.45 -29.41 -22.31
C THR B 165 11.69 -28.98 -23.77
N PRO B 166 11.64 -27.66 -24.08
CA PRO B 166 11.91 -27.23 -25.47
C PRO B 166 13.14 -27.87 -26.11
N GLN B 167 14.21 -28.04 -25.33
CA GLN B 167 15.46 -28.68 -25.79
C GLN B 167 15.21 -30.14 -26.20
N SER B 168 14.53 -30.94 -25.33
CA SER B 168 14.18 -32.33 -25.63
C SER B 168 12.81 -32.38 -26.36
N SER B 169 12.87 -32.44 -27.71
CA SER B 169 11.73 -32.45 -28.63
C SER B 169 10.78 -33.65 -28.42
N THR B 170 11.34 -34.90 -28.47
CA THR B 170 10.58 -36.16 -28.33
C THR B 170 10.78 -36.92 -27.00
N THR B 171 9.68 -37.56 -26.53
CA THR B 171 9.61 -38.47 -25.39
C THR B 171 8.78 -39.67 -25.84
N GLU B 172 9.44 -40.81 -25.93
CA GLU B 172 8.83 -42.08 -26.27
C GLU B 172 8.49 -42.62 -24.87
N ALA B 173 7.25 -42.51 -24.41
CA ALA B 173 6.93 -42.95 -23.05
C ALA B 173 6.20 -44.26 -23.04
N GLU B 174 6.69 -45.18 -22.21
CA GLU B 174 6.17 -46.53 -22.02
C GLU B 174 4.99 -46.55 -21.04
N LEU B 175 3.94 -47.31 -21.40
CA LEU B 175 2.71 -47.56 -20.66
C LEU B 175 2.59 -49.07 -20.35
N THR B 176 2.59 -49.41 -19.06
CA THR B 176 2.51 -50.76 -18.51
C THR B 176 1.22 -51.51 -18.97
N GLY B 177 1.37 -52.29 -20.04
CA GLY B 177 0.31 -53.11 -20.59
C GLY B 177 -0.18 -52.66 -21.96
N TYR B 178 0.28 -51.48 -22.43
CA TYR B 178 -0.20 -50.92 -23.70
C TYR B 178 0.92 -50.62 -24.70
N GLY B 179 2.16 -50.71 -24.25
CA GLY B 179 3.32 -50.40 -25.08
C GLY B 179 3.82 -48.97 -24.91
N THR B 180 4.48 -48.44 -25.94
CA THR B 180 5.04 -47.08 -25.91
C THR B 180 4.23 -46.11 -26.76
N VAL B 181 4.25 -44.83 -26.38
CA VAL B 181 3.60 -43.73 -27.09
C VAL B 181 4.64 -42.65 -27.36
N THR B 182 4.82 -42.31 -28.65
CA THR B 182 5.79 -41.29 -29.05
C THR B 182 5.09 -39.94 -29.01
N MET B 183 5.60 -39.00 -28.19
CA MET B 183 5.02 -37.67 -28.02
C MET B 183 6.02 -36.61 -28.47
N GLU B 184 5.62 -35.72 -29.38
CA GLU B 184 6.49 -34.66 -29.90
C GLU B 184 5.84 -33.31 -29.64
N CYS B 185 6.27 -32.65 -28.53
CA CYS B 185 5.67 -31.39 -28.09
C CYS B 185 6.46 -30.14 -28.43
N SER B 186 5.70 -29.09 -28.78
CA SER B 186 6.18 -27.76 -29.15
C SER B 186 5.61 -26.68 -28.21
N PRO B 187 6.49 -25.86 -27.59
CA PRO B 187 6.00 -24.80 -26.69
C PRO B 187 5.29 -23.65 -27.41
N ARG B 188 4.19 -23.13 -26.84
CA ARG B 188 3.48 -21.99 -27.42
C ARG B 188 3.12 -20.95 -26.34
N THR B 189 4.04 -19.98 -26.18
CA THR B 189 3.99 -18.85 -25.25
C THR B 189 3.42 -17.60 -25.95
N GLY B 190 3.15 -16.55 -25.17
CA GLY B 190 2.60 -15.30 -25.67
C GLY B 190 3.59 -14.26 -26.16
N LEU B 191 4.66 -13.97 -25.38
CA LEU B 191 5.71 -12.98 -25.72
C LEU B 191 7.09 -13.65 -25.67
N ASP B 192 8.16 -12.96 -26.18
CA ASP B 192 9.56 -13.44 -26.10
C ASP B 192 9.97 -13.29 -24.64
N PHE B 193 10.30 -14.41 -24.03
CA PHE B 193 10.65 -14.53 -22.64
C PHE B 193 11.95 -13.91 -22.20
N ASN B 194 12.85 -13.51 -23.11
CA ASN B 194 14.13 -12.95 -22.65
C ASN B 194 14.00 -11.64 -21.93
N GLU B 195 13.34 -10.63 -22.56
CA GLU B 195 13.20 -9.32 -21.94
C GLU B 195 12.24 -9.33 -20.73
N MET B 196 11.49 -10.41 -20.57
CA MET B 196 10.55 -10.53 -19.46
C MET B 196 11.19 -11.05 -18.17
N VAL B 197 10.61 -10.58 -17.05
CA VAL B 197 10.99 -10.86 -15.67
C VAL B 197 9.75 -11.43 -14.96
N LEU B 198 9.94 -12.55 -14.24
CA LEU B 198 8.88 -13.17 -13.47
C LEU B 198 8.70 -12.48 -12.07
N LEU B 199 7.93 -11.38 -12.07
CA LEU B 199 7.63 -10.62 -10.86
C LEU B 199 6.73 -11.39 -9.92
N GLN B 200 7.31 -12.05 -8.95
CA GLN B 200 6.51 -12.74 -7.95
C GLN B 200 6.33 -11.78 -6.81
N MET B 201 5.09 -11.52 -6.44
CA MET B 201 4.85 -10.68 -5.27
C MET B 201 4.73 -11.56 -4.02
N GLU B 202 3.51 -11.99 -3.67
CA GLU B 202 3.27 -12.85 -2.51
C GLU B 202 2.95 -14.22 -3.10
N ASP B 203 1.66 -14.48 -3.27
CA ASP B 203 1.03 -15.64 -3.88
C ASP B 203 0.61 -15.25 -5.30
N LYS B 204 0.58 -13.94 -5.60
CA LYS B 204 0.27 -13.41 -6.92
C LYS B 204 1.61 -13.32 -7.72
N ALA B 205 1.58 -13.36 -9.06
CA ALA B 205 2.78 -13.35 -9.92
C ALA B 205 2.47 -12.86 -11.32
N TRP B 206 3.43 -12.26 -12.00
CA TRP B 206 3.24 -11.63 -13.32
C TRP B 206 4.53 -11.69 -14.12
N LEU B 207 4.44 -11.48 -15.43
CA LEU B 207 5.58 -11.46 -16.32
C LEU B 207 5.64 -10.09 -16.88
N VAL B 208 6.78 -9.42 -16.72
CA VAL B 208 6.90 -8.02 -17.10
C VAL B 208 8.27 -7.64 -17.61
N HIS B 209 8.31 -6.58 -18.45
CA HIS B 209 9.49 -6.03 -19.08
C HIS B 209 10.62 -5.67 -18.12
N ARG B 210 11.84 -6.09 -18.50
CA ARG B 210 13.08 -5.88 -17.76
C ARG B 210 13.26 -4.42 -17.36
N GLN B 211 13.20 -3.50 -18.35
CA GLN B 211 13.37 -2.07 -18.15
C GLN B 211 12.39 -1.51 -17.14
N TRP B 212 11.08 -1.83 -17.27
CA TRP B 212 10.04 -1.34 -16.36
C TRP B 212 10.41 -1.77 -14.94
N PHE B 213 10.72 -3.09 -14.78
CA PHE B 213 11.12 -3.66 -13.52
C PHE B 213 12.27 -2.88 -12.90
N LEU B 214 13.42 -2.77 -13.57
CA LEU B 214 14.59 -2.07 -12.99
C LEU B 214 14.29 -0.64 -12.58
N ASP B 215 13.51 0.10 -13.40
CA ASP B 215 13.12 1.51 -13.21
C ASP B 215 12.06 1.75 -12.07
N LEU B 216 11.75 0.72 -11.26
CA LEU B 216 10.80 0.90 -10.19
C LEU B 216 11.42 1.74 -9.12
N PRO B 217 10.69 2.83 -8.73
CA PRO B 217 11.18 3.72 -7.66
C PRO B 217 11.08 3.09 -6.26
N LEU B 218 11.80 2.00 -5.97
CA LEU B 218 11.70 1.37 -4.65
C LEU B 218 13.07 0.91 -4.11
N PRO B 219 13.25 0.71 -2.77
CA PRO B 219 14.55 0.22 -2.29
C PRO B 219 14.81 -1.20 -2.80
N TRP B 220 16.05 -1.55 -3.17
CA TRP B 220 16.35 -2.87 -3.71
C TRP B 220 17.67 -3.49 -3.25
N LEU B 221 17.83 -4.80 -3.47
CA LEU B 221 19.03 -5.61 -3.17
C LEU B 221 19.33 -6.48 -4.40
N PRO B 222 20.61 -6.59 -4.89
CA PRO B 222 20.89 -7.40 -6.10
C PRO B 222 20.50 -8.85 -5.91
N GLY B 223 20.10 -9.47 -7.03
CA GLY B 223 19.61 -10.84 -7.09
C GLY B 223 20.45 -11.86 -6.36
N ALA B 224 21.79 -11.70 -6.50
CA ALA B 224 22.82 -12.50 -5.85
C ALA B 224 22.82 -12.38 -4.28
N ASP B 225 22.59 -11.15 -3.74
CA ASP B 225 22.58 -10.86 -2.31
C ASP B 225 21.43 -11.52 -1.55
N THR B 226 21.76 -12.60 -0.86
CA THR B 226 20.83 -13.39 -0.06
C THR B 226 21.07 -13.04 1.41
N GLN B 227 22.36 -13.08 1.83
CA GLN B 227 22.90 -12.79 3.17
C GLN B 227 22.63 -11.37 3.71
N GLY B 228 22.70 -10.38 2.86
CA GLY B 228 22.62 -8.98 3.25
C GLY B 228 21.28 -8.27 3.25
N SER B 229 21.25 -7.18 4.03
CA SER B 229 20.09 -6.34 4.33
C SER B 229 20.39 -4.83 4.17
N ASN B 230 21.31 -4.48 3.23
CA ASN B 230 21.73 -3.09 2.93
C ASN B 230 21.00 -2.59 1.71
N TRP B 231 19.72 -2.34 1.88
CA TRP B 231 18.80 -1.85 0.86
C TRP B 231 19.28 -0.58 0.14
N ILE B 232 19.55 -0.69 -1.17
CA ILE B 232 19.90 0.46 -2.01
C ILE B 232 18.61 1.33 -2.20
N GLN B 233 18.72 2.67 -2.34
CA GLN B 233 17.61 3.62 -2.55
C GLN B 233 16.57 3.72 -1.40
N LYS B 234 16.90 3.47 -0.14
CA LYS B 234 15.94 3.60 0.98
C LYS B 234 15.11 4.88 0.91
N GLU B 235 15.71 5.94 0.35
CA GLU B 235 15.16 7.27 0.10
C GLU B 235 13.79 7.24 -0.63
N THR B 236 13.52 6.16 -1.37
CA THR B 236 12.26 6.01 -2.10
C THR B 236 11.07 5.68 -1.18
N LEU B 237 11.34 5.25 0.06
CA LEU B 237 10.27 4.98 1.03
C LEU B 237 10.41 5.85 2.27
N VAL B 238 11.54 6.59 2.35
CA VAL B 238 11.82 7.44 3.50
C VAL B 238 11.70 8.89 3.08
N THR B 239 11.15 9.72 3.97
CA THR B 239 10.97 11.16 3.76
C THR B 239 11.43 11.94 5.01
N PHE B 240 12.27 12.96 4.79
CA PHE B 240 12.72 13.84 5.86
C PHE B 240 11.97 15.18 5.75
N LYS B 241 11.26 15.58 6.82
CA LYS B 241 10.44 16.79 6.85
C LYS B 241 10.95 17.88 7.77
N ASN B 242 11.27 19.04 7.17
CA ASN B 242 11.75 20.22 7.87
C ASN B 242 11.11 21.46 7.18
N PRO B 243 9.82 21.75 7.49
CA PRO B 243 9.14 22.85 6.78
C PRO B 243 9.38 24.26 7.31
N HIS B 244 9.75 24.39 8.59
CA HIS B 244 9.91 25.71 9.19
C HIS B 244 11.32 25.97 9.76
N ALA B 245 12.30 25.10 9.43
CA ALA B 245 13.66 25.14 9.91
C ALA B 245 13.70 25.11 11.45
N LYS B 246 12.71 24.43 12.07
CA LYS B 246 12.59 24.28 13.53
C LYS B 246 13.02 22.88 13.98
N LYS B 247 12.76 21.86 13.12
CA LYS B 247 13.07 20.45 13.39
C LYS B 247 13.00 19.59 12.11
N GLN B 248 13.76 18.47 12.10
CA GLN B 248 13.76 17.47 11.02
C GLN B 248 13.07 16.17 11.50
N ASP B 249 11.99 15.80 10.80
CA ASP B 249 11.19 14.59 11.08
C ASP B 249 11.35 13.52 10.02
N VAL B 250 11.49 12.25 10.44
CA VAL B 250 11.66 11.15 9.50
C VAL B 250 10.37 10.28 9.39
N VAL B 251 9.83 10.18 8.16
CA VAL B 251 8.58 9.47 7.88
C VAL B 251 8.65 8.34 6.78
N VAL B 252 8.06 7.16 7.11
CA VAL B 252 7.91 5.99 6.24
C VAL B 252 6.82 6.32 5.21
N LEU B 253 6.94 5.82 3.97
CA LEU B 253 6.02 6.21 2.92
C LEU B 253 4.77 5.33 2.75
N GLY B 254 4.57 4.33 3.59
CA GLY B 254 3.36 3.51 3.52
C GLY B 254 3.41 2.43 2.47
N SER B 255 2.85 1.25 2.79
CA SER B 255 2.89 0.06 1.95
C SER B 255 2.53 0.34 0.52
N GLN B 256 3.38 -0.20 -0.36
CA GLN B 256 3.30 -0.08 -1.82
C GLN B 256 2.70 -1.33 -2.48
N GLU B 257 2.14 -2.24 -1.66
CA GLU B 257 1.56 -3.50 -2.11
C GLU B 257 0.43 -3.30 -3.12
N GLY B 258 -0.60 -2.56 -2.71
CA GLY B 258 -1.77 -2.25 -3.52
C GLY B 258 -1.42 -1.35 -4.68
N ALA B 259 -0.49 -0.43 -4.42
CA ALA B 259 0.01 0.51 -5.40
C ALA B 259 0.60 -0.29 -6.59
N MET B 260 1.46 -1.30 -6.26
CA MET B 260 2.08 -2.23 -7.20
C MET B 260 1.02 -2.99 -7.99
N HIS B 261 -0.03 -3.61 -7.31
CA HIS B 261 -1.11 -4.34 -7.97
C HIS B 261 -1.80 -3.50 -9.03
N THR B 262 -2.07 -2.22 -8.73
CA THR B 262 -2.69 -1.28 -9.65
C THR B 262 -1.79 -1.01 -10.84
N ALA B 263 -0.48 -0.84 -10.60
CA ALA B 263 0.52 -0.58 -11.65
C ALA B 263 0.63 -1.78 -12.57
N LEU B 264 0.43 -2.99 -12.03
CA LEU B 264 0.55 -4.26 -12.72
C LEU B 264 -0.75 -4.67 -13.39
N THR B 265 -1.72 -3.73 -13.57
CA THR B 265 -3.00 -4.13 -14.16
C THR B 265 -2.86 -4.53 -15.63
N GLY B 266 -2.27 -3.68 -16.46
CA GLY B 266 -2.07 -4.04 -17.87
C GLY B 266 -1.18 -5.26 -18.17
N ALA B 267 -0.34 -5.66 -17.20
CA ALA B 267 0.65 -6.73 -17.29
C ALA B 267 0.10 -8.15 -17.38
N THR B 268 0.95 -9.07 -17.90
CA THR B 268 0.65 -10.49 -18.06
C THR B 268 0.65 -11.20 -16.73
N GLU B 269 -0.53 -11.42 -16.18
CA GLU B 269 -0.70 -12.11 -14.91
C GLU B 269 -0.43 -13.61 -15.04
N ILE B 270 0.19 -14.19 -14.03
CA ILE B 270 0.49 -15.62 -13.92
C ILE B 270 -0.18 -16.12 -12.65
N GLN B 271 -0.82 -17.28 -12.73
CA GLN B 271 -1.48 -17.78 -11.53
C GLN B 271 -0.56 -18.71 -10.73
N MET B 272 -0.84 -18.80 -9.42
CA MET B 272 -0.16 -19.69 -8.48
C MET B 272 -1.29 -20.26 -7.62
N SER B 273 -2.04 -21.22 -8.21
CA SER B 273 -3.24 -21.88 -7.64
C SER B 273 -2.96 -22.59 -6.31
N SER B 274 -1.78 -23.23 -6.22
CA SER B 274 -1.27 -23.91 -5.04
C SER B 274 0.26 -23.87 -5.11
N GLY B 275 0.77 -22.64 -5.00
CA GLY B 275 2.19 -22.31 -5.03
C GLY B 275 2.95 -22.67 -6.28
N ASN B 276 2.26 -22.86 -7.42
CA ASN B 276 2.96 -23.20 -8.65
C ASN B 276 2.57 -22.32 -9.83
N LEU B 277 3.49 -22.24 -10.79
CA LEU B 277 3.46 -21.42 -11.99
C LEU B 277 2.49 -21.99 -13.07
N LEU B 278 1.24 -21.46 -13.08
CA LEU B 278 0.15 -21.88 -13.97
C LEU B 278 -0.06 -20.87 -15.12
N PHE B 279 0.71 -21.03 -16.21
CA PHE B 279 0.69 -20.15 -17.37
C PHE B 279 -0.52 -20.31 -18.30
N THR B 280 -0.93 -19.20 -18.98
CA THR B 280 -2.05 -19.09 -19.96
C THR B 280 -1.69 -19.73 -21.32
N GLY B 281 -0.40 -19.97 -21.56
CA GLY B 281 0.12 -20.61 -22.76
C GLY B 281 -0.23 -22.08 -22.83
N HIS B 282 -0.07 -22.67 -24.02
CA HIS B 282 -0.41 -24.07 -24.26
C HIS B 282 0.70 -24.86 -24.94
N LEU B 283 0.61 -26.20 -24.87
CA LEU B 283 1.58 -27.12 -25.43
C LEU B 283 0.99 -27.88 -26.63
N LYS B 284 1.50 -27.58 -27.84
CA LYS B 284 1.04 -28.22 -29.09
C LYS B 284 1.84 -29.47 -29.38
N CYS B 285 1.22 -30.62 -29.15
CA CYS B 285 1.86 -31.91 -29.35
C CYS B 285 1.36 -32.67 -30.55
N ARG B 286 2.20 -33.61 -30.96
CA ARG B 286 1.95 -34.58 -32.00
C ARG B 286 2.07 -35.92 -31.31
N LEU B 287 1.18 -36.85 -31.66
CA LEU B 287 1.14 -38.13 -31.01
C LEU B 287 1.14 -39.30 -31.97
N ARG B 288 2.16 -40.17 -31.86
CA ARG B 288 2.30 -41.40 -32.63
C ARG B 288 1.94 -42.56 -31.73
N MET B 289 1.01 -43.38 -32.22
CA MET B 289 0.38 -44.51 -31.55
C MET B 289 0.66 -45.85 -32.21
N ASP B 290 1.59 -45.87 -33.19
CA ASP B 290 2.02 -47.07 -33.92
C ASP B 290 2.53 -48.14 -32.96
N LYS B 291 3.26 -47.72 -31.90
CA LYS B 291 3.83 -48.60 -30.89
C LYS B 291 2.88 -48.92 -29.72
N LEU B 292 1.67 -48.35 -29.75
CA LEU B 292 0.63 -48.61 -28.76
C LEU B 292 -0.20 -49.80 -29.21
N GLN B 293 -0.65 -50.61 -28.25
CA GLN B 293 -1.46 -51.78 -28.48
C GLN B 293 -2.50 -51.96 -27.39
N LEU B 294 -3.65 -52.54 -27.76
CA LEU B 294 -4.78 -52.83 -26.87
C LEU B 294 -4.41 -53.95 -25.90
N LYS B 295 -4.66 -53.74 -24.59
CA LYS B 295 -4.25 -54.74 -23.61
C LYS B 295 -4.80 -56.15 -23.86
N GLY B 296 -6.10 -56.39 -23.81
CA GLY B 296 -6.60 -57.75 -23.99
C GLY B 296 -7.19 -58.13 -25.33
N MET B 297 -6.56 -57.72 -26.47
CA MET B 297 -7.07 -58.01 -27.82
C MET B 297 -7.01 -59.51 -28.17
N SER B 298 -6.23 -60.28 -27.38
CA SER B 298 -6.05 -61.72 -27.54
C SER B 298 -6.83 -62.53 -26.49
N TYR B 299 -7.39 -61.85 -25.46
CA TYR B 299 -8.18 -62.54 -24.43
C TYR B 299 -9.50 -63.00 -25.03
N SER B 300 -10.06 -64.05 -24.44
CA SER B 300 -11.33 -64.61 -24.87
C SER B 300 -12.50 -63.78 -24.32
N MET B 301 -13.72 -63.94 -24.89
CA MET B 301 -14.91 -63.21 -24.45
C MET B 301 -15.45 -63.76 -23.15
N CYS B 302 -15.84 -62.87 -22.21
CA CYS B 302 -16.43 -63.30 -20.93
C CYS B 302 -17.73 -64.04 -21.28
N THR B 303 -18.05 -65.09 -20.52
CA THR B 303 -19.27 -65.86 -20.76
C THR B 303 -20.30 -65.67 -19.63
N GLY B 304 -19.80 -65.34 -18.44
CA GLY B 304 -20.59 -65.17 -17.24
C GLY B 304 -21.57 -64.03 -17.22
N LYS B 305 -22.11 -63.79 -16.02
CA LYS B 305 -23.09 -62.75 -15.72
C LYS B 305 -22.42 -61.56 -15.01
N PHE B 306 -23.00 -60.37 -15.20
CA PHE B 306 -22.48 -59.12 -14.65
C PHE B 306 -23.48 -58.44 -13.73
N LYS B 307 -22.97 -57.82 -12.67
CA LYS B 307 -23.76 -57.08 -11.68
C LYS B 307 -23.50 -55.57 -11.83
N ILE B 308 -24.47 -54.73 -11.46
CA ILE B 308 -24.41 -53.27 -11.59
C ILE B 308 -24.03 -52.56 -10.28
N VAL B 309 -22.71 -52.36 -10.10
CA VAL B 309 -22.04 -51.72 -8.95
C VAL B 309 -22.44 -50.22 -8.83
N LYS B 310 -22.31 -49.47 -9.92
CA LYS B 310 -22.64 -48.06 -9.99
C LYS B 310 -23.54 -47.82 -11.19
N GLU B 311 -24.75 -47.28 -10.90
CA GLU B 311 -25.80 -46.94 -11.83
C GLU B 311 -25.27 -46.07 -12.98
N ILE B 312 -25.90 -46.17 -14.18
CA ILE B 312 -25.52 -45.35 -15.32
C ILE B 312 -25.64 -43.89 -14.88
N ALA B 313 -24.55 -43.13 -15.10
CA ALA B 313 -24.46 -41.71 -14.83
C ALA B 313 -24.03 -41.04 -16.11
N GLU B 314 -24.68 -39.90 -16.44
CA GLU B 314 -24.36 -39.17 -17.67
C GLU B 314 -23.38 -38.02 -17.38
N THR B 315 -22.33 -37.93 -18.18
CA THR B 315 -21.33 -36.87 -18.05
C THR B 315 -21.87 -35.60 -18.71
N GLN B 316 -21.17 -34.49 -18.49
CA GLN B 316 -21.53 -33.20 -19.04
C GLN B 316 -21.51 -33.17 -20.58
N HIS B 317 -20.88 -34.16 -21.25
CA HIS B 317 -20.78 -34.21 -22.72
C HIS B 317 -21.69 -35.26 -23.35
N GLY B 318 -22.75 -35.64 -22.63
CA GLY B 318 -23.72 -36.62 -23.09
C GLY B 318 -23.31 -38.08 -22.96
N THR B 319 -21.99 -38.35 -22.74
CA THR B 319 -21.45 -39.71 -22.58
C THR B 319 -21.96 -40.29 -21.26
N ILE B 320 -21.95 -41.62 -21.16
CA ILE B 320 -22.42 -42.30 -19.97
C ILE B 320 -21.33 -43.19 -19.42
N VAL B 321 -21.42 -43.45 -18.10
CA VAL B 321 -20.47 -44.27 -17.35
C VAL B 321 -21.21 -45.34 -16.56
N ILE B 322 -20.71 -46.57 -16.64
CA ILE B 322 -21.26 -47.72 -15.94
C ILE B 322 -20.15 -48.47 -15.20
N ARG B 323 -20.43 -48.82 -13.96
CA ARG B 323 -19.48 -49.59 -13.18
C ARG B 323 -20.15 -50.94 -12.90
N VAL B 324 -19.47 -52.04 -13.35
CA VAL B 324 -19.95 -53.43 -13.27
C VAL B 324 -18.95 -54.43 -12.70
N GLN B 325 -19.45 -55.47 -11.98
CA GLN B 325 -18.64 -56.56 -11.43
C GLN B 325 -18.96 -57.90 -12.14
N TYR B 326 -17.91 -58.65 -12.55
CA TYR B 326 -18.06 -59.95 -13.25
C TYR B 326 -18.27 -61.06 -12.23
N GLU B 327 -19.27 -61.92 -12.50
CA GLU B 327 -19.61 -63.02 -11.61
C GLU B 327 -19.35 -64.40 -12.22
N GLY B 328 -18.65 -64.42 -13.36
CA GLY B 328 -18.29 -65.63 -14.10
C GLY B 328 -16.96 -66.19 -13.69
N ASP B 329 -16.28 -66.97 -14.57
CA ASP B 329 -15.02 -67.64 -14.22
C ASP B 329 -13.85 -67.45 -15.22
N GLY B 330 -14.14 -67.12 -16.47
CA GLY B 330 -13.15 -66.97 -17.54
C GLY B 330 -12.00 -65.98 -17.37
N SER B 331 -12.18 -64.94 -16.51
CA SER B 331 -11.23 -63.85 -16.23
C SER B 331 -9.74 -64.28 -16.14
N PRO B 332 -8.79 -63.57 -16.80
CA PRO B 332 -8.97 -62.34 -17.58
C PRO B 332 -9.70 -62.55 -18.91
N CYS B 333 -10.79 -61.76 -19.11
CA CYS B 333 -11.62 -61.87 -20.31
C CYS B 333 -12.17 -60.51 -20.78
N LYS B 334 -12.51 -60.40 -22.10
CA LYS B 334 -13.13 -59.21 -22.69
C LYS B 334 -14.62 -59.14 -22.28
N ILE B 335 -15.05 -58.01 -21.67
CA ILE B 335 -16.46 -57.80 -21.30
C ILE B 335 -17.22 -57.51 -22.60
N PRO B 336 -18.31 -58.25 -22.91
CA PRO B 336 -19.07 -57.93 -24.13
C PRO B 336 -19.87 -56.65 -23.92
N PHE B 337 -19.78 -55.73 -24.88
CA PHE B 337 -20.48 -54.46 -24.74
C PHE B 337 -21.04 -53.98 -26.07
N GLU B 338 -22.31 -53.51 -26.02
CA GLU B 338 -23.02 -52.96 -27.18
C GLU B 338 -24.12 -51.97 -26.79
N ILE B 339 -24.29 -50.94 -27.63
CA ILE B 339 -25.33 -49.92 -27.51
C ILE B 339 -26.12 -49.99 -28.83
N THR B 340 -26.90 -51.07 -28.99
CA THR B 340 -27.74 -51.31 -30.18
C THR B 340 -29.08 -50.53 -30.06
N ASP B 341 -29.95 -50.66 -31.07
CA ASP B 341 -31.29 -50.04 -31.08
C ASP B 341 -32.24 -50.70 -30.02
N LEU B 342 -33.52 -50.32 -30.06
CA LEU B 342 -34.56 -50.84 -29.17
C LEU B 342 -34.94 -52.26 -29.65
N GLU B 343 -34.84 -52.45 -30.98
CA GLU B 343 -35.07 -53.69 -31.69
C GLU B 343 -34.01 -54.77 -31.34
N LYS B 344 -32.71 -54.37 -31.33
CA LYS B 344 -31.48 -55.14 -31.10
C LYS B 344 -30.73 -55.41 -32.42
N ARG B 345 -31.30 -54.88 -33.53
CA ARG B 345 -30.82 -54.97 -34.91
C ARG B 345 -29.34 -54.60 -35.06
N HIS B 346 -29.03 -53.32 -35.34
CA HIS B 346 -27.65 -52.81 -35.48
C HIS B 346 -27.14 -52.01 -34.26
N VAL B 347 -25.80 -51.93 -34.17
CA VAL B 347 -25.02 -51.18 -33.18
C VAL B 347 -25.29 -49.67 -33.42
N LEU B 348 -25.36 -48.85 -32.36
CA LEU B 348 -25.62 -47.41 -32.55
C LEU B 348 -24.54 -46.51 -31.99
N GLY B 349 -24.43 -46.44 -30.66
CA GLY B 349 -23.44 -45.61 -30.00
C GLY B 349 -22.06 -46.23 -29.99
N ARG B 350 -20.98 -45.38 -29.80
CA ARG B 350 -19.59 -45.85 -29.77
C ARG B 350 -19.05 -46.07 -28.36
N LEU B 351 -17.92 -46.80 -28.26
CA LEU B 351 -17.26 -47.01 -26.98
C LEU B 351 -16.10 -46.02 -26.81
N ILE B 352 -16.01 -45.44 -25.59
CA ILE B 352 -14.87 -44.59 -25.26
C ILE B 352 -13.82 -45.52 -24.64
N THR B 353 -14.16 -46.24 -23.53
CA THR B 353 -13.27 -47.22 -22.87
C THR B 353 -13.19 -48.50 -23.75
N VAL B 354 -12.51 -48.41 -24.91
CA VAL B 354 -12.36 -49.49 -25.88
C VAL B 354 -11.74 -50.75 -25.27
N ASN B 355 -12.20 -51.94 -25.76
CA ASN B 355 -11.80 -53.29 -25.35
C ASN B 355 -11.90 -53.49 -23.84
N PRO B 356 -13.08 -53.28 -23.22
CA PRO B 356 -13.18 -53.42 -21.76
C PRO B 356 -12.88 -54.83 -21.31
N ILE B 357 -11.96 -55.00 -20.35
CA ILE B 357 -11.55 -56.32 -19.89
C ILE B 357 -11.67 -56.51 -18.36
N VAL B 358 -11.81 -57.78 -17.92
CA VAL B 358 -11.85 -58.14 -16.50
C VAL B 358 -10.45 -58.70 -16.23
N THR B 359 -9.89 -58.36 -15.08
CA THR B 359 -8.55 -58.81 -14.68
C THR B 359 -8.71 -59.74 -13.47
N GLU B 360 -9.61 -59.36 -12.54
CA GLU B 360 -10.00 -60.09 -11.32
C GLU B 360 -11.52 -59.92 -11.14
N LYS B 361 -12.23 -60.98 -10.75
CA LYS B 361 -13.68 -60.96 -10.51
C LYS B 361 -14.05 -59.96 -9.41
N ASP B 362 -13.19 -59.89 -8.37
CA ASP B 362 -13.32 -59.01 -7.20
C ASP B 362 -13.34 -57.52 -7.58
N SER B 363 -12.47 -57.11 -8.53
CA SER B 363 -12.31 -55.73 -9.00
C SER B 363 -13.37 -55.35 -10.05
N PRO B 364 -14.31 -54.41 -9.72
CA PRO B 364 -15.29 -53.96 -10.72
C PRO B 364 -14.63 -53.15 -11.84
N VAL B 365 -15.38 -52.92 -12.91
CA VAL B 365 -14.89 -52.23 -14.10
C VAL B 365 -15.73 -51.02 -14.43
N ASN B 366 -15.09 -49.99 -14.98
CA ASN B 366 -15.71 -48.74 -15.39
C ASN B 366 -15.70 -48.62 -16.89
N ILE B 367 -16.90 -48.42 -17.48
CA ILE B 367 -17.01 -48.28 -18.92
C ILE B 367 -17.66 -46.96 -19.28
N GLU B 368 -17.01 -46.22 -20.18
CA GLU B 368 -17.53 -44.95 -20.70
C GLU B 368 -17.86 -45.18 -22.16
N ALA B 369 -19.11 -44.81 -22.53
CA ALA B 369 -19.60 -44.93 -23.90
C ALA B 369 -20.46 -43.74 -24.26
N GLU B 370 -20.52 -43.43 -25.58
CA GLU B 370 -21.35 -42.36 -26.13
C GLU B 370 -22.68 -42.96 -26.64
N PRO B 371 -23.81 -42.78 -25.90
CA PRO B 371 -25.08 -43.32 -26.39
C PRO B 371 -25.62 -42.54 -27.58
N PRO B 372 -26.49 -43.13 -28.44
CA PRO B 372 -27.01 -42.35 -29.57
C PRO B 372 -28.12 -41.39 -29.11
N PHE B 373 -28.42 -40.40 -29.97
CA PHE B 373 -29.49 -39.45 -29.71
C PHE B 373 -30.83 -40.18 -29.72
N GLY B 374 -31.49 -40.13 -28.58
CA GLY B 374 -32.78 -40.76 -28.37
C GLY B 374 -32.68 -42.05 -27.60
N ASP B 375 -33.65 -42.94 -27.85
CA ASP B 375 -33.75 -44.22 -27.16
C ASP B 375 -32.79 -45.23 -27.72
N SER B 376 -32.18 -45.92 -26.75
CA SER B 376 -31.10 -46.89 -26.91
C SER B 376 -31.16 -47.99 -25.85
N TYR B 377 -30.46 -49.07 -26.14
CA TYR B 377 -30.33 -50.21 -25.26
C TYR B 377 -28.84 -50.43 -24.98
N ILE B 378 -28.44 -50.33 -23.70
CA ILE B 378 -27.07 -50.58 -23.30
C ILE B 378 -27.02 -52.01 -22.83
N ILE B 379 -26.39 -52.84 -23.64
CA ILE B 379 -26.27 -54.26 -23.38
C ILE B 379 -24.82 -54.59 -23.05
N VAL B 380 -24.66 -55.01 -21.80
CA VAL B 380 -23.38 -55.41 -21.21
C VAL B 380 -23.47 -56.86 -20.79
N GLY B 381 -22.56 -57.64 -21.35
CA GLY B 381 -22.48 -59.06 -21.08
C GLY B 381 -23.16 -59.87 -22.15
N VAL B 382 -23.27 -61.16 -21.87
CA VAL B 382 -23.87 -62.15 -22.76
C VAL B 382 -24.94 -62.94 -21.98
N GLU B 383 -25.96 -63.47 -22.71
CA GLU B 383 -27.08 -64.24 -22.15
C GLU B 383 -26.61 -65.64 -21.70
N PRO B 384 -27.08 -66.20 -20.56
CA PRO B 384 -28.12 -65.67 -19.65
C PRO B 384 -27.56 -64.56 -18.78
N GLY B 385 -28.47 -63.78 -18.19
CA GLY B 385 -28.11 -62.65 -17.35
C GLY B 385 -27.48 -61.50 -18.11
N GLN B 386 -27.79 -61.40 -19.44
CA GLN B 386 -27.34 -60.31 -20.28
C GLN B 386 -28.00 -59.03 -19.73
N LEU B 387 -27.16 -58.07 -19.24
CA LEU B 387 -27.70 -56.80 -18.72
C LEU B 387 -28.21 -55.99 -19.91
N LYS B 388 -29.51 -55.66 -19.89
CA LYS B 388 -30.15 -54.91 -20.97
C LYS B 388 -30.75 -53.63 -20.41
N LEU B 389 -29.89 -52.61 -20.30
CA LEU B 389 -30.24 -51.30 -19.76
C LEU B 389 -30.79 -50.40 -20.86
N ASN B 390 -31.66 -49.47 -20.50
CA ASN B 390 -32.32 -48.55 -21.42
C ASN B 390 -31.91 -47.12 -21.17
N TRP B 391 -31.60 -46.39 -22.25
CA TRP B 391 -31.15 -45.01 -22.16
C TRP B 391 -31.83 -44.06 -23.14
N LEU B 392 -31.80 -42.74 -22.84
CA LEU B 392 -32.28 -41.68 -23.72
C LEU B 392 -31.37 -40.44 -23.66
N ARG B 393 -30.88 -40.00 -24.84
CA ARG B 393 -30.04 -38.82 -25.00
C ARG B 393 -30.81 -37.80 -25.91
N PRO B 394 -31.55 -36.82 -25.32
CA PRO B 394 -32.39 -35.91 -26.14
C PRO B 394 -31.64 -34.97 -27.07
N LEU B 395 -32.35 -34.45 -28.10
CA LEU B 395 -31.79 -33.55 -29.11
C LEU B 395 -31.87 -32.09 -28.65
C1 NAG C . 11.96 31.81 28.58
C2 NAG C . 13.42 31.54 28.99
C3 NAG C . 13.48 30.79 30.31
C4 NAG C . 12.65 31.50 31.36
C5 NAG C . 11.21 31.58 30.86
C6 NAG C . 10.24 32.15 31.88
C7 NAG C . 14.89 31.47 27.01
C8 NAG C . 15.74 30.57 26.16
N2 NAG C . 14.17 30.85 27.95
O3 NAG C . 14.83 30.64 30.74
O4 NAG C . 12.74 30.84 32.62
O5 NAG C . 11.16 32.36 29.66
O6 NAG C . 9.64 33.39 31.51
O7 NAG C . 14.88 32.69 26.87
C1 NAG C . 13.26 31.57 33.72
C2 NAG C . 12.51 31.16 34.98
C3 NAG C . 13.01 32.07 36.09
C4 NAG C . 14.51 31.93 36.27
C5 NAG C . 15.25 32.11 34.95
C6 NAG C . 16.71 31.74 35.01
C7 NAG C . 10.19 30.31 35.07
C8 NAG C . 8.76 30.72 35.21
N2 NAG C . 11.06 31.29 34.83
O3 NAG C . 12.31 31.76 37.28
O4 NAG C . 14.98 32.88 37.22
O5 NAG C . 14.65 31.29 33.94
O6 NAG C . 17.37 31.97 33.76
O7 NAG C . 10.53 29.14 35.19
C1 FUC C . 10.02 34.51 32.28
C2 FUC C . 8.92 35.59 32.15
C3 FUC C . 8.85 36.51 33.36
C4 FUC C . 10.20 36.65 34.05
C5 FUC C . 10.67 35.29 34.58
C6 FUC C . 12.15 35.22 34.85
O2 FUC C . 7.64 35.01 31.92
O3 FUC C . 8.34 37.77 32.95
O4 FUC C . 11.16 37.25 33.19
O5 FUC C . 10.31 34.23 33.66
C1 NAG D . -11.94 -17.97 13.48
C2 NAG D . -13.15 -17.87 14.40
C3 NAG D . -12.72 -18.06 15.85
C4 NAG D . -11.97 -19.39 16.03
C5 NAG D . -10.80 -19.47 15.06
C6 NAG D . -10.15 -20.84 15.02
C7 NAG D . -15.15 -16.43 14.39
C8 NAG D . -15.63 -15.01 14.48
N2 NAG D . -13.82 -16.60 14.23
O3 NAG D . -13.86 -18.05 16.70
O4 NAG D . -11.54 -19.50 17.38
O5 NAG D . -11.24 -19.21 13.72
O6 NAG D . -8.98 -20.84 14.24
O7 NAG D . -15.93 -17.38 14.49
C1 NAG D . -11.60 -20.76 18.06
C2 NAG D . -10.41 -20.86 19.01
C3 NAG D . -10.91 -21.22 20.40
C4 NAG D . -12.04 -20.30 20.82
C5 NAG D . -13.25 -20.47 19.90
C6 NAG D . -14.01 -19.19 19.64
C7 NAG D . -8.25 -21.55 18.01
C8 NAG D . -7.43 -22.71 17.52
N2 NAG D . -9.45 -21.85 18.53
O3 NAG D . -9.84 -21.11 21.34
O4 NAG D . -12.42 -20.53 22.17
O5 NAG D . -12.90 -21.05 18.62
O6 NAG D . -15.11 -19.37 18.76
O7 NAG D . -7.84 -20.39 17.94
C1 NAG E . -8.41 -42.50 -6.22
C2 NAG E . -9.66 -42.89 -5.42
C3 NAG E . -9.27 -43.36 -4.02
C4 NAG E . -8.24 -44.49 -4.12
C5 NAG E . -7.03 -43.95 -4.88
C6 NAG E . -5.85 -44.89 -4.94
C7 NAG E . -11.63 -41.62 -6.18
C8 NAG E . -12.54 -40.47 -5.86
N2 NAG E . -10.59 -41.78 -5.34
O3 NAG E . -10.40 -43.75 -3.26
O4 NAG E . -7.87 -44.92 -2.82
O5 NAG E . -7.43 -43.57 -6.21
O6 NAG E . -5.53 -45.38 -6.22
O7 NAG E . -11.82 -42.36 -7.14
C1 NAG E . -8.09 -46.28 -2.49
C2 NAG E . -6.94 -46.75 -1.61
C3 NAG E . -7.17 -48.25 -1.41
C4 NAG E . -8.51 -48.51 -0.69
C5 NAG E . -9.65 -47.80 -1.41
C6 NAG E . -10.91 -47.72 -0.56
C7 NAG E . -4.63 -45.90 -1.60
C8 NAG E . -3.29 -46.08 -2.23
N2 NAG E . -5.64 -46.53 -2.21
O3 NAG E . -6.08 -48.74 -0.65
O4 NAG E . -8.78 -49.91 -0.68
O5 NAG E . -9.30 -46.43 -1.73
O6 NAG E . -11.95 -47.06 -1.25
O7 NAG E . -4.80 -45.22 -0.59
C1 BMA E . -8.49 -50.80 0.45
C2 BMA E . -7.19 -50.44 1.16
C3 BMA E . -6.90 -51.52 2.21
C4 BMA E . -8.05 -51.52 3.21
C5 BMA E . -9.36 -51.81 2.47
C6 BMA E . -10.58 -51.76 3.37
O2 BMA E . -7.35 -49.18 1.80
O3 BMA E . -5.60 -51.51 2.84
O4 BMA E . -7.84 -52.47 4.25
O5 BMA E . -9.56 -50.86 1.40
O6 BMA E . -11.76 -52.35 2.82
C1 BMA E . -4.43 -50.55 2.68
C2 BMA E . -3.34 -51.14 1.75
C3 BMA E . -2.78 -50.11 0.76
C4 BMA E . -2.52 -48.74 1.39
C5 BMA E . -3.59 -48.35 2.42
C6 BMA E . -4.07 -46.93 2.30
O2 BMA E . -3.78 -52.30 1.06
O3 BMA E . -3.60 -49.98 -0.39
O4 BMA E . -1.25 -48.72 2.01
O5 BMA E . -4.74 -49.21 2.29
O6 BMA E . -3.06 -45.98 2.64
C1 BMA E . -11.60 -53.65 2.32
C2 BMA E . -12.46 -54.63 3.15
C3 BMA E . -12.99 -55.75 2.28
C4 BMA E . -13.87 -55.21 1.15
C5 BMA E . -13.25 -54.01 0.45
C6 BMA E . -14.06 -52.72 0.50
O2 BMA E . -13.52 -53.96 3.81
O3 BMA E . -13.72 -56.67 3.08
O4 BMA E . -14.09 -56.23 0.18
O5 BMA E . -11.89 -53.74 0.92
O6 BMA E . -14.38 -52.27 1.81
C1 FUC E . -5.77 -46.75 -6.44
C2 FUC E . -4.88 -47.23 -7.61
C3 FUC E . -4.52 -48.70 -7.49
C4 FUC E . -5.64 -49.49 -6.81
C5 FUC E . -5.79 -49.02 -5.37
C6 FUC E . -7.11 -49.41 -4.72
O2 FUC E . -3.70 -46.45 -7.79
O3 FUC E . -4.26 -49.21 -8.79
O4 FUC E . -6.87 -49.41 -7.52
O5 FUC E . -5.63 -47.59 -5.28
C1 NAG F . 17.87 -0.06 18.18
C2 NAG F . 19.26 -0.68 18.18
C3 NAG F . 19.20 -2.00 18.93
C4 NAG F . 18.65 -1.81 20.35
C5 NAG F . 17.30 -1.09 20.30
C6 NAG F . 16.80 -0.67 21.66
C7 NAG F . 21.00 -0.92 16.45
C8 NAG F . 21.29 -1.50 15.10
N2 NAG F . 19.72 -0.91 16.82
O3 NAG F . 20.50 -2.58 18.99
O4 NAG F . 18.50 -3.11 20.92
O5 NAG F . 17.41 0.12 19.52
O6 NAG F . 15.47 -0.17 21.58
O7 NAG F . 21.90 -0.51 17.18
C1 NAG F . 18.84 -3.32 22.29
C2 NAG F . 17.87 -4.35 22.87
C3 NAG F . 18.65 -5.49 23.52
C4 NAG F . 19.77 -5.97 22.59
C5 NAG F . 20.78 -4.86 22.31
C6 NAG F . 21.36 -4.92 20.91
C7 NAG F . 15.67 -3.49 23.62
C8 NAG F . 14.94 -2.77 24.71
N2 NAG F . 16.98 -3.71 23.84
O3 NAG F . 17.74 -6.56 23.78
O4 NAG F . 20.44 -7.08 23.19
O5 NAG F . 20.24 -3.55 22.51
O6 NAG F . 22.26 -3.85 20.65
O7 NAG F . 15.11 -3.85 22.59
#